data_7ART
#
_entry.id   7ART
#
_cell.length_a   1.00
_cell.length_b   1.00
_cell.length_c   1.00
_cell.angle_alpha   90.00
_cell.angle_beta   90.00
_cell.angle_gamma   90.00
#
_symmetry.space_group_name_H-M   'P 1'
#
loop_
_entity.id
_entity.type
_entity.pdbx_description
1 polymer 'SCAFFOLD STRAND'
2 polymer 'STAPLE STRAND'
3 polymer 'STAPLE STRAND'
4 polymer 'STAPLE STRAND'
5 polymer 'STAPLE STRAND'
6 polymer 'STAPLE STRAND'
7 polymer 'STAPLE STRAND'
8 polymer 'STAPLE STRAND'
9 polymer 'STAPLE STRAND'
10 polymer 'STAPLE STRAND'
11 polymer 'STAPLE STRAND'
12 polymer 'STAPLE STRAND'
13 polymer 'STAPLE STRAND'
14 polymer 'STAPLE STRAND'
15 polymer 'STAPLE STRAND'
16 polymer 'STAPLE STRAND'
17 polymer 'STAPLE STRAND'
18 polymer 'STAPLE STRAND'
19 polymer 'STAPLE STRAND'
20 polymer 'STAPLE STRAND'
21 polymer 'STAPLE STRAND'
22 polymer 'STAPLE STRAND'
23 polymer 'STAPLE STRAND'
24 polymer 'STAPLE STRAND'
25 polymer 'STAPLE STRAND'
26 polymer 'STAPLE STRAND'
27 polymer 'STAPLE STRAND'
28 polymer 'STAPLE STRAND'
29 polymer 'STAPLE STRAND'
30 polymer 'STAPLE STRAND'
31 polymer 'STAPLE STRAND'
32 polymer 'STAPLE STRAND'
33 polymer 'STAPLE STRAND'
34 polymer 'STAPLE STRAND'
35 polymer 'STAPLE STRAND'
36 polymer 'STAPLE STRAND'
37 polymer 'STAPLE STRAND'
38 polymer 'STAPLE STRAND'
39 polymer 'STAPLE STRAND'
40 polymer 'STAPLE STRAND'
41 polymer 'STAPLE STRAND'
42 polymer 'STAPLE STRAND'
43 polymer 'STAPLE STRAND'
44 polymer 'STAPLE STRAND'
45 polymer 'STAPLE STRAND'
46 polymer 'STAPLE STRAND'
47 polymer 'STAPLE STRAND'
48 polymer 'STAPLE STRAND'
49 polymer 'STAPLE STRAND'
50 polymer 'STAPLE STRAND'
51 polymer 'STAPLE STRAND'
52 polymer 'STAPLE STRAND'
53 polymer 'STAPLE STRAND'
54 polymer 'STAPLE STRAND'
55 polymer 'STAPLE STRAND'
56 polymer 'STAPLE STRAND'
57 polymer 'STAPLE STRAND'
58 polymer 'STAPLE STRAND'
59 polymer 'STAPLE STRAND'
60 polymer 'STAPLE STRAND'
61 polymer 'STAPLE STRAND'
62 polymer 'STAPLE STRAND'
63 polymer 'STAPLE STRAND'
64 polymer 'STAPLE STRAND'
65 polymer 'STAPLE STRAND'
66 polymer 'STAPLE STRAND'
67 polymer 'STAPLE STRAND'
68 polymer 'STAPLE STRAND'
69 polymer 'STAPLE STRAND'
70 polymer 'STAPLE STRAND'
71 polymer 'STAPLE STRAND'
72 polymer 'STAPLE STRAND'
73 polymer 'STAPLE STRAND'
74 polymer 'STAPLE STRAND'
75 polymer 'STAPLE STRAND'
76 polymer 'STAPLE STRAND'
77 polymer 'STAPLE STRAND'
78 polymer 'STAPLE STRAND'
79 polymer 'STAPLE STRAND'
80 polymer 'STAPLE STRAND'
81 polymer 'STAPLE STRAND'
82 polymer 'STAPLE STRAND'
83 polymer 'STAPLE STRAND'
84 polymer 'STAPLE STRAND'
85 polymer 'STAPLE STRAND'
86 polymer 'STAPLE STRAND'
87 polymer 'STAPLE STRAND'
88 polymer 'STAPLE STRAND'
89 polymer 'STAPLE STRAND'
90 polymer 'STAPLE STRAND'
91 polymer 'STAPLE STRAND'
92 polymer 'STAPLE STRAND'
93 polymer 'STAPLE STRAND'
94 polymer 'STAPLE STRAND'
95 polymer 'STAPLE STRAND'
96 polymer 'STAPLE STRAND'
97 polymer 'STAPLE STRAND'
98 polymer 'STAPLE STRAND'
99 polymer 'STAPLE STRAND'
100 polymer 'STAPLE STRAND'
101 polymer 'STAPLE STRAND'
102 polymer 'STAPLE STRAND'
103 polymer 'STAPLE STRAND'
104 polymer 'STAPLE STRAND'
105 polymer 'STAPLE STRAND'
106 polymer 'STAPLE STRAND'
107 polymer 'STAPLE STRAND'
108 polymer 'STAPLE STRAND'
109 polymer 'STAPLE STRAND'
110 polymer 'STAPLE STRAND'
111 polymer 'STAPLE STRAND'
112 polymer 'STAPLE STRAND'
113 polymer 'STAPLE STRAND'
114 polymer 'STAPLE STRAND'
115 polymer 'STAPLE STRAND'
116 polymer 'STAPLE STRAND'
117 polymer 'STAPLE STRAND'
118 polymer 'STAPLE STRAND'
119 polymer 'STAPLE STRAND'
120 polymer 'STAPLE STRAND'
121 polymer 'STAPLE STRAND'
122 polymer 'STAPLE STRAND'
123 polymer 'STAPLE STRAND'
124 polymer 'STAPLE STRAND'
125 polymer 'STAPLE STRAND'
126 polymer 'STAPLE STRAND'
127 polymer 'STAPLE STRAND'
128 polymer 'STAPLE STRAND'
129 polymer 'STAPLE STRAND'
130 polymer 'STAPLE STRAND'
131 polymer 'STAPLE STRAND'
132 polymer 'STAPLE STRAND'
133 polymer 'STAPLE STRAND'
134 polymer 'STAPLE STRAND'
135 polymer 'STAPLE STRAND'
136 polymer 'STAPLE STRAND'
137 polymer 'STAPLE STRAND'
138 polymer 'STAPLE STRAND'
139 polymer 'STAPLE STRAND'
140 polymer 'STAPLE STRAND'
141 polymer 'STAPLE STRAND'
142 polymer 'STAPLE STRAND'
143 polymer 'STAPLE STRAND'
144 polymer 'STAPLE STRAND'
145 polymer 'STAPLE STRAND'
146 polymer 'STAPLE STRAND'
147 polymer 'STAPLE STRAND'
148 polymer 'STAPLE STRAND'
149 polymer 'STAPLE STRAND'
150 polymer 'STAPLE STRAND'
151 polymer 'STAPLE STRAND'
152 polymer 'STAPLE STRAND'
153 polymer 'STAPLE STRAND'
154 polymer 'STAPLE STRAND'
155 polymer 'STAPLE STRAND'
156 polymer 'STAPLE STRAND'
157 polymer 'STAPLE STRAND'
158 polymer 'STAPLE STRAND'
159 polymer 'STAPLE STRAND'
160 polymer 'STAPLE STRAND'
161 polymer 'STAPLE STRAND'
162 polymer 'STAPLE STRAND'
163 polymer 'STAPLE STRAND'
164 polymer 'STAPLE STRAND'
165 polymer 'STAPLE STRAND'
166 polymer 'STAPLE STRAND'
167 polymer 'STAPLE STRAND'
168 polymer 'STAPLE STRAND'
169 polymer 'STAPLE STRAND'
170 polymer 'STAPLE STRAND'
171 polymer 'STAPLE STRAND'
172 polymer 'STAPLE STRAND'
173 polymer 'STAPLE STRAND'
174 polymer 'STAPLE STRAND'
175 polymer 'STAPLE STRAND'
176 polymer 'STAPLE STRAND'
177 polymer 'STAPLE STRAND'
178 polymer 'STAPLE STRAND'
179 polymer 'STAPLE STRAND'
180 polymer 'STAPLE STRAND'
181 polymer 'STAPLE STRAND'
182 polymer 'STAPLE STRAND'
183 polymer 'STAPLE STRAND'
184 polymer 'STAPLE STRAND'
185 polymer 'STAPLE STRAND'
186 polymer 'STAPLE STRAND'
187 polymer 'STAPLE STRAND'
188 polymer 'STAPLE STRAND'
189 polymer 'STAPLE STRAND'
190 polymer 'STAPLE STRAND'
191 polymer 'STAPLE STRAND'
192 polymer 'STAPLE STRAND'
193 polymer 'STAPLE STRAND'
194 polymer 'STAPLE STRAND'
195 polymer 'STAPLE STRAND'
196 polymer 'STAPLE STRAND'
197 polymer 'STAPLE STRAND'
198 polymer 'STAPLE STRAND'
199 polymer 'STAPLE STRAND'
200 polymer 'STAPLE STRAND'
201 polymer 'STAPLE STRAND'
202 polymer 'STAPLE STRAND'
203 polymer 'STAPLE STRAND'
204 polymer 'STAPLE STRAND'
205 polymer 'STAPLE STRAND'
206 polymer 'STAPLE STRAND'
207 polymer 'STAPLE STRAND'
208 polymer 'STAPLE STRAND'
209 polymer 'STAPLE STRAND'
210 polymer 'STAPLE STRAND'
211 polymer 'STAPLE STRAND'
212 polymer 'STAPLE STRAND'
#
loop_
_entity_poly.entity_id
_entity_poly.type
_entity_poly.pdbx_seq_one_letter_code
_entity_poly.pdbx_strand_id
1 'polydeoxyribonucleotide'
;(DT)(DG)(DA)(DT)(DA)(DG)(DA)(DC)(DG)(DG)(DT)(DT)(DT)(DT)(DT)(DC)(DG)(DC)(DC)(DC)
(DT)(DT)(DT)(DG)(DA)(DC)(DG)(DT)(DT)(DG)(DG)(DA)(DG)(DT)(DC)(DC)(DA)(DC)(DG)(DT)
(DT)(DC)(DT)(DT)(DT)(DA)(DA)(DT)(DA)(DG)(DT)(DG)(DG)(DA)(DC)(DT)(DC)(DT)(DT)(DG)
(DT)(DT)(DC)(DC)(DA)(DA)(DA)(DC)(DT)(DG)(DG)(DA)(DA)(DC)(DA)(DA)(DC)(DA)(DC)(DT)
(DC)(DA)(DA)(DC)(DC)(DC)(DT)(DA)(DT)(DC)(DT)(DC)(DG)(DG)(DG)(DC)(DT)(DA)(DT)(DT)
(DC)(DT)(DT)(DT)(DT)(DG)(DA)(DT)(DT)(DT)(DA)(DT)(DA)(DA)(DG)(DG)(DG)(DA)(DT)(DT)
(DT)(DT)(DG)(DC)(DC)(DG)(DA)(DT)(DT)(DT)(DC)(DG)(DG)(DA)(DA)(DC)(DC)(DA)(DC)(DC)
(DA)(DT)(DC)(DA)(DA)(DA)(DC)(DA)(DG)(DG)(DA)(DT)(DT)(DT)(DT)(DC)(DG)(DC)(DC)(DT)
(DG)(DC)(DT)(DG)(DG)(DG)(DG)(DC)(DA)(DA)(DA)(DC)(DC)(DA)(DG)(DC)(DG)(DT)(DG)(DG)
(DA)(DC)(DC)(DG)(DC)(DT)(DT)(DG)(DC)(DT)(DG)(DC)(DA)(DA)(DC)(DT)(DC)(DT)(DC)(DT)
(DC)(DA)(DG)(DG)(DG)(DC)(DC)(DA)(DG)(DG)(DC)(DG)(DG)(DT)(DG)(DA)(DA)(DG)(DG)(DG)
(DC)(DA)(DA)(DT)(DC)(DA)(DG)(DC)(DT)(DG)(DT)(DT)(DG)(DC)(DC)(DC)(DG)(DT)(DC)(DT)
(DC)(DA)(DC)(DT)(DG)(DG)(DT)(DG)(DA)(DA)(DA)(DA)(DG)(DA)(DA)(DA)(DA)(DA)(DC)(DC)
(DA)(DC)(DC)(DC)(DT)(DG)(DG)(DC)(DG)(DC)(DC)(DC)(DA)(DA)(DT)(DA)(DC)(DG)(DC)(DA)
(DA)(DA)(DC)(DC)(DG)(DC)(DC)(DT)(DC)(DT)(DC)(DC)(DC)(DC)(DG)(DC)(DG)(DC)(DG)(DT)
(DT)(DG)(DG)(DC)(DC)(DG)(DA)(DT)(DT)(DC)(DA)(DT)(DT)(DA)(DA)(DT)(DG)(DC)(DA)(DG)
(DC)(DT)(DG)(DG)(DC)(DA)(DC)(DG)(DA)(DC)(DA)(DG)(DG)(DT)(DT)(DT)(DC)(DC)(DC)(DG)
(DA)(DC)(DT)(DG)(DG)(DA)(DA)(DA)(DG)(DC)(DG)(DG)(DG)(DC)(DA)(DG)(DT)(DG)(DA)(DG)
(DC)(DG)(DC)(DA)(DA)(DC)(DG)(DC)(DA)(DA)(DT)(DT)(DA)(DA)(DT)(DG)(DT)(DG)(DA)(DG)
(DT)(DT)(DA)(DG)(DC)(DT)(DC)(DA)(DC)(DT)(DC)(DA)(DT)(DT)(DA)(DG)(DG)(DC)(DA)(DC)
(DC)(DC)(DC)(DA)(DG)(DG)(DC)(DT)(DT)(DT)(DA)(DC)(DA)(DC)(DT)(DT)(DT)(DA)(DT)(DG)
(DC)(DT)(DT)(DC)(DC)(DG)(DG)(DC)(DT)(DC)(DG)(DT)(DA)(DT)(DG)(DT)(DT)(DG)(DT)(DG)
(DT)(DG)(DG)(DA)(DA)(DT)(DT)(DG)(DT)(DG)(DA)(DG)(DC)(DG)(DG)(DA)(DT)(DA)(DA)(DC)
(DA)(DA)(DT)(DT)(DT)(DC)(DA)(DC)(DA)(DC)(DA)(DG)(DG)(DA)(DA)(DA)(DC)(DA)(DG)(DC)
(DT)(DA)(DT)(DG)(DA)(DC)(DC)(DA)(DT)(DG)(DA)(DT)(DT)(DA)(DC)(DG)(DA)(DA)(DT)(DT)
(DC)(DG)(DA)(DG)(DC)(DT)(DC)(DG)(DG)(DT)(DA)(DC)(DC)(DC)(DG)(DG)(DG)(DG)(DA)(DT)
(DC)(DC)(DT)(DC)(DA)(DA)(DC)(DT)(DG)(DT)(DG)(DA)(DG)(DG)(DA)(DG)(DG)(DC)(DT)(DC)
(DA)(DC)(DG)(DG)(DA)(DC)(DG)(DC)(DG)(DA)(DA)(DG)(DA)(DA)(DC)(DA)(DG)(DG)(DC)(DA)
(DC)(DG)(DC)(DG)(DT)(DG)(DC)(DT)(DG)(DG)(DC)(DA)(DG)(DA)(DA)(DA)(DC)(DC)(DC)(DC)
(DC)(DG)(DG)(DT)(DA)(DT)(DG)(DA)(DC)(DC)(DG)(DT)(DG)(DA)(DA)(DA)(DA)(DC)(DG)(DG)
(DC)(DC)(DC)(DG)(DC)(DC)(DG)(DC)(DA)(DT)(DT)(DC)(DT)(DG)(DG)(DC)(DC)(DG)(DC)(DA)
(DG)(DC)(DA)(DC)(DC)(DA)(DC)(DA)(DG)(DA)(DG)(DT)(DG)(DC)(DA)(DC)(DA)(DG)(DG)(DC)
(DG)(DC)(DG)(DC)(DA)(DG)(DT)(DG)(DA)(DC)(DA)(DC)(DT)(DG)(DC)(DG)(DC)(DT)(DG)(DG)
(DA)(DT)(DC)(DG)(DT)(DC)(DT)(DG)(DA)(DT)(DG)(DC)(DA)(DG)(DG)(DG)(DG)(DG)(DC)(DA)
(DC)(DC)(DG)(DG)(DC)(DA)(DC)(DC)(DG)(DC)(DT)(DG)(DG)(DC)(DT)(DG)(DC)(DA)(DG)(DG)
(DT)(DA)(DA)(DC)(DC)(DC)(DG)(DG)(DC)(DA)(DT)(DC)(DT)(DG)(DA)(DT)(DG)(DC)(DC)(DG)
(DT)(DT)(DA)(DA)(DC)(DG)(DA)(DT)(DT)(DT)(DG)(DC)(DT)(DG)(DA)(DA)(DC)(DA)(DC)(DA)
(DC)(DC)(DA)(DG)(DT)(DG)(DT)(DA)(DA)(DG)(DG)(DG)(DA)(DT)(DG)(DT)(DT)(DT)(DA)(DT)
(DG)(DA)(DC)(DG)(DA)(DG)(DC)(DA)(DA)(DA)(DG)(DA)(DA)(DA)(DC)(DC)(DT)(DT)(DT)(DA)
(DC)(DC)(DC)(DA)(DT)(DT)(DA)(DC)(DC)(DA)(DG)(DC)(DC)(DG)(DC)(DA)(DG)(DG)(DG)(DC)
(DA)(DA)(DC)(DA)(DG)(DT)(DG)(DA)(DC)(DC)(DC)(DG)(DG)(DC)(DT)(DC)(DA)(DT)(DA)(DC)
(DC)(DG)(DC)(DA)(DA)(DC)(DC)(DG)(DC)(DG)(DC)(DC)(DC)(DG)(DG)(DC)(DG)(DG)(DA)(DT)
(DT)(DG)(DA)(DG)(DT)(DG)(DC)(DG)(DA)(DA)(DA)(DG)(DC)(DG)(DC)(DC)(DT)(DG)(DC)(DA)
(DA)(DT)(DG)(DA)(DC)(DC)(DC)(DC)(DG)(DC)(DT)(DG)(DA)(DT)(DG)(DC)(DT)(DG)(DG)(DA)
(DC)(DA)(DC)(DC)(DT)(DC)(DC)(DA)(DG)(DC)(DC)(DG)(DT)(DA)(DA)(DG)(DC)(DT)(DG)(DG)
(DT)(DT)(DG)(DC)(DG)(DT)(DG)(DG)(DG)(DA)(DT)(DG)(DG)(DC)(DA)(DC)(DC)(DA)(DC)(DC)
(DG)(DA)(DC)(DG)(DG)(DT)(DG)(DC)(DT)(DG)(DC)(DC)(DG)(DT)(DT)(DG)(DG)(DC)(DA)(DT)
(DT)(DC)(DT)(DT)(DG)(DC)(DG)(DG)(DT)(DT)(DG)(DC)(DT)(DG)(DC)(DT)(DG)(DA)(DC)(DC)
(DA)(DG)(DA)(DC)(DC)(DA)(DG)(DC)(DA)(DC)(DC)(DA)(DC)(DG)(DC)(DT)(DG)(DA)(DC)(DG)
(DT)(DT)(DC)(DT)(DA)(DC)(DA)(DA)(DG)(DT)(DC)(DC)(DG)(DG)(DC)(DA)(DC)(DG)(DT)(DT)
(DC)(DC)(DG)(DT)(DT)(DA)(DT)(DG)(DA)(DG)(DG)(DA)(DT)(DG)(DT)(DG)(DC)(DT)(DC)(DT)
(DG)(DG)(DC)(DC)(DG)(DG)(DA)(DG)(DG)(DC)(DT)(DG)(DC)(DC)(DA)(DG)(DC)(DG)(DA)(DC)
(DG)(DA)(DG)(DA)(DC)(DG)(DA)(DA)(DA)(DA)(DA)(DA)(DC)(DG)(DG)(DA)(DC)(DC)(DG)(DC)
(DG)(DT)(DT)(DT)(DG)(DC)(DC)(DG)(DG)(DA)(DA)(DC)(DG)(DG)(DC)(DA)(DA)(DT)(DC)(DA)
(DG)(DC)(DA)(DT)(DC)(DG)(DT)(DT)(DT)(DA)(DA)(DC)(DT)(DT)(DT)(DA)(DC)(DC)(DC)(DT)
(DT)(DC)(DA)(DT)(DC)(DA)(DC)(DT)(DA)(DA)(DA)(DG)(DG)(DC)(DC)(DG)(DC)(DC)(DT)(DG)
(DT)(DG)(DC)(DG)(DG)(DC)(DT)(DT)(DT)(DT)(DT)(DT)(DT)(DA)(DC)(DG)(DG)(DG)(DA)(DT)
(DT)(DT)(DT)(DT)(DT)(DT)(DA)(DT)(DG)(DT)(DC)(DG)(DA)(DT)(DG)(DT)(DA)(DC)(DA)(DC)
(DA)(DA)(DC)(DC)(DG)(DC)(DC)(DC)(DA)(DA)(DC)(DT)(DG)(DC)(DT)(DG)(DG)(DC)(DG)(DG)
(DC)(DA)(DA)(DA)(DT)(DG)(DA)(DG)(DC)(DA)(DG)(DA)(DA)(DA)(DT)(DT)(DT)(DA)(DA)(DG)
(DT)(DT)(DT)(DG)(DA)(DT)(DC)(DC)(DG)(DC)(DT)(DG)(DT)(DT)(DT)(DC)(DT)(DG)(DC)(DG)
(DT)(DC)(DT)(DC)(DT)(DT)(DT)(DT)(DT)(DC)(DC)(DG)(DT)(DG)(DA)(DG)(DA)(DG)(DC)(DT)
(DA)(DT)(DC)(DC)(DC)(DT)(DT)(DC)(DA)(DC)(DC)(DA)(DC)(DG)(DG)(DA)(DG)(DA)(DA)(DA)
(DG)(DT)(DC)(DT)(DA)(DT)(DC)(DT)(DC)(DT)(DC)(DA)(DC)(DA)(DA)(DA)(DT)(DT)(DC)(DC)
(DG)(DG)(DG)(DA)(DC)(DT)(DG)(DG)(DT)(DA)(DA)(DA)(DC)(DA)(DT)(DG)(DG)(DC)(DG)(DC)
(DT)(DG)(DT)(DA)(DC)(DG)(DT)(DT)(DT)(DC)(DG)(DC)(DC)(DG)(DA)(DT)(DT)(DG)(DT)(DT)
(DT)(DC)(DC)(DG)(DG)(DT)(DG)(DA)(DG)(DG)(DT)(DT)(DA)(DT)(DC)(DC)(DG)(DT)(DT)(DC)
(DC)(DC)(DG)(DT)(DG)(DG)(DC)(DG)(DG)(DC)(DT)(DC)(DC)(DA)(DC)(DC)(DT)(DC)(DT)(DG)
(DA)(DA)(DA)(DG)(DC)(DT)(DT)(DG)(DG)(DC)(DA)(DC)(DT)(DG)(DG)(DC)(DC)(DG)(DT)(DC)
(DG)(DT)(DT)(DT)(DT)(DA)(DC)(DA)(DA)(DC)(DG)(DT)(DC)(DG)(DT)(DG)(DA)(DC)(DT)(DG)
(DG)(DG)(DA)(DA)(DA)(DA)(DC)(DC)(DC)(DT)(DG)(DG)(DC)(DG)(DT)(DT)(DA)(DC)(DC)(DC)
(DA)(DA)(DC)(DT)(DT)(DA)(DA)(DT)(DC)(DG)(DC)(DC)(DT)(DT)(DG)(DC)(DA)(DG)(DC)(DA)
(DC)(DA)(DT)(DC)(DC)(DC)(DC)(DC)(DT)(DT)(DT)(DC)(DG)(DC)(DC)(DA)(DG)(DC)(DT)(DG)
(DG)(DC)(DG)(DT)(DA)(DA)(DT)(DA)(DG)(DC)(DG)(DA)(DA)(DG)(DA)(DG)(DG)(DC)(DC)(DC)
(DG)(DC)(DA)(DC)(DC)(DG)(DA)(DT)(DC)(DG)(DC)(DC)(DC)(DT)(DT)(DC)(DC)(DC)(DA)(DA)
(DC)(DA)(DG)(DT)(DT)(DG)(DC)(DG)(DC)(DA)(DG)(DC)(DC)(DT)(DG)(DA)(DA)(DT)(DG)(DG)
(DC)(DG)(DA)(DA)(DT)(DG)(DG)(DC)(DG)(DC)(DT)(DT)(DT)(DG)(DC)(DC)(DT)(DG)(DG)(DT)
(DT)(DT)(DC)(DC)(DG)(DG)(DC)(DA)(DC)(DC)(DA)(DG)(DA)(DA)(DG)(DC)(DG)(DG)(DT)(DG)
(DC)(DC)(DG)(DG)(DA)(DA)(DA)(DG)(DC)(DT)(DG)(DG)(DC)(DT)(DG)(DG)(DA)(DG)(DT)(DG)
(DC)(DG)(DA)(DT)(DC)(DT)(DT)(DC)(DC)(DT)(DG)(DA)(DG)(DG)(DC)(DC)(DG)(DA)(DT)(DA)
(DC)(DT)(DG)(DT)(DC)(DG)(DT)(DC)(DG)(DT)(DC)(DC)(DC)(DC)(DT)(DC)(DA)(DA)(DA)(DC)
(DT)(DG)(DG)(DC)(DA)(DG)(DA)(DT)(DG)(DC)(DA)(DC)(DG)(DG)(DT)(DT)(DA)(DC)(DG)(DA)
(DT)(DG)(DC)(DG)(DC)(DC)(DC)(DA)(DT)(DC)(DT)(DA)(DC)(DA)(DC)(DC)(DA)(DA)(DC)(DG)
(DT)(DG)(DA)(DC)(DC)(DT)(DA)(DT)(DC)(DC)(DC)(DA)(DT)(DT)(DA)(DC)(DG)(DG)(DT)(DC)
(DA)(DA)(DT)(DC)(DC)(DG)(DC)(DC)(DG)(DT)(DT)(DT)(DG)(DT)(DT)(DC)(DC)(DC)(DA)(DC)
(DG)(DG)(DA)(DG)(DA)(DA)(DT)(DC)(DC)(DG)(DA)(DC)(DG)(DG)(DG)(DT)(DT)(DG)(DT)(DT)
(DA)(DC)(DT)(DC)(DG)(DC)(DT)(DC)(DA)(DC)(DA)(DT)(DT)(DT)(DA)(DA)(DT)(DG)(DT)(DT)
(DG)(DA)(DT)(DG)(DA)(DA)(DA)(DG)(DC)(DT)(DG)(DG)(DC)(DT)(DA)(DC)(DA)(DG)(DG)(DA)
(DA)(DG)(DG)(DC)(DC)(DA)(DG)(DA)(DC)(DG)(DC)(DG)(DA)(DA)(DT)(DT)(DA)(DT)(DT)(DT)
(DT)(DT)(DG)(DA)(DT)(DG)(DG)(DC)(DG)(DT)(DT)(DC)(DC)(DT)(DA)(DT)(DT)(DG)(DG)(DT)
(DT)(DA)(DA)(DA)(DA)(DA)(DA)(DT)(DG)(DA)(DG)(DC)(DT)(DG)(DA)(DT)(DT)(DT)(DA)(DA)
(DC)(DA)(DA)(DA)(DA)(DA)(DT)(DT)(DT)(DA)(DA)(DT)(DG)(DC)(DG)(DA)(DA)(DT)(DT)(DT)
(DT)(DA)(DA)(DC)(DA)(DA)(DA)(DA)(DT)(DA)(DT)(DT)(DA)(DA)(DC)(DG)(DT)(DT)(DT)(DA)
(DC)(DA)(DA)(DT)(DT)(DT)(DA)(DA)(DA)(DT)(DA)(DT)(DT)(DT)(DG)(DC)(DT)(DT)(DA)(DT)
(DA)(DC)(DA)(DA)(DT)(DC)(DT)(DT)(DC)(DC)(DT)(DG)(DT)(DT)(DT)(DT)(DT)(DG)(DG)(DG)
(DG)(DC)(DT)(DT)(DT)(DT)(DC)(DT)(DG)(DA)(DT)(DT)(DA)(DT)(DC)(DA)(DA)(DC)(DC)(DG)
(DG)(DG)(DG)(DT)(DA)(DC)(DA)(DT)(DA)(DT)(DG)(DA)(DT)(DT)(DG)(DA)(DC)(DA)(DT)(DG)
(DC)(DT)(DA)(DG)(DT)(DT)(DT)(DT)(DA)(DC)(DG)(DA)(DT)(DT)(DA)(DC)(DC)(DG)(DT)(DT)
(DC)(DA)(DT)(DC)(DG)(DA)(DT)(DT)(DC)(DT)(DC)(DT)(DT)(DG)(DT)(DT)(DT)(DG)(DC)(DT)
(DC)(DC)(DA)(DG)(DA)(DC)(DT)(DC)(DT)(DC)(DA)(DG)(DG)(DC)(DA)(DA)(DT)(DG)(DA)(DC)
(DC)(DT)(DG)(DA)(DT)(DA)(DG)(DC)(DC)(DT)(DT)(DT)(DG)(DT)(DA)(DG)(DA)(DT)(DC)(DT)
(DC)(DT)(DC)(DA)(DA)(DA)(DA)(DA)(DT)(DA)(DG)(DC)(DT)(DA)(DC)(DC)(DC)(DT)(DC)(DT)
(DC)(DC)(DG)(DG)(DC)(DA)(DT)(DT)(DA)(DA)(DT)(DT)(DT)(DA)(DT)(DC)(DA)(DG)(DC)(DT)
(DA)(DG)(DA)(DA)(DC)(DG)(DG)(DT)(DT)(DG)(DA)(DA)(DT)(DA)(DT)(DC)(DA)(DT)(DA)(DT)
(DT)(DG)(DA)(DT)(DG)(DG)(DT)(DG)(DA)(DT)(DT)(DT)(DG)(DA)(DC)(DT)(DG)(DT)(DC)(DT)
(DC)(DC)(DG)(DG)(DC)(DC)(DT)(DT)(DT)(DC)(DT)(DC)(DA)(DC)(DC)(DC)(DT)(DT)(DT)(DT)
(DG)(DA)(DA)(DT)(DC)(DT)(DT)(DT)(DA)(DC)(DC)(DT)(DA)(DC)(DA)(DC)(DA)(DT)(DT)(DA)
(DC)(DT)(DC)(DA)(DG)(DG)(DC)(DA)(DT)(DT)(DG)(DC)(DA)(DT)(DT)(DT)(DA)(DA)(DA)(DA)
(DT)(DA)(DT)(DA)(DT)(DG)(DA)(DG)(DG)(DG)(DT)(DT)(DC)(DT)(DA)(DA)(DA)(DA)(DA)(DT)
(DT)(DT)(DT)(DT)(DA)(DT)(DC)(DC)(DT)(DT)(DG)(DC)(DG)(DT)(DT)(DG)(DA)(DA)(DA)(DT)
(DA)(DA)(DA)(DG)(DG)(DC)(DT)(DT)(DC)(DT)(DC)(DC)(DC)(DG)(DC)(DA)(DA)(DA)(DA)(DG)
(DT)(DA)(DT)(DT)(DA)(DC)(DA)(DG)(DG)(DG)(DT)(DC)(DA)(DT)(DA)(DA)(DT)(DG)(DT)(DT)
(DT)(DT)(DT)(DG)(DG)(DT)(DA)(DC)(DA)(DA)(DC)(DC)(DG)(DA)(DT)(DT)(DT)(DA)(DG)(DC)
(DT)(DT)(DT)(DA)(DT)(DG)(DC)(DT)(DC)(DT)(DG)(DA)(DG)(DG)(DC)(DT)(DT)(DT)(DA)(DT)
(DT)(DG)(DC)(DT)(DT)(DA)(DA)(DT)(DT)(DT)(DT)(DG)(DC)(DT)(DA)(DA)(DT)(DT)(DC)(DT)
(DT)(DT)(DG)(DC)(DC)(DT)(DT)(DG)(DC)(DC)(DT)(DG)(DT)(DA)(DT)(DG)(DA)(DT)(DT)(DT)
(DA)(DT)(DT)(DG)(DG)(DA)(DT)(DG)(DT)(DT)(DA)(DA)(DT)(DG)(DC)(DT)(DA)(DC)(DT)(DA)
(DC)(DT)(DA)(DT)(DT)(DA)(DG)(DT)(DA)(DG)(DA)(DA)(DT)(DT)(DG)(DA)(DT)(DG)(DC)(DC)
(DA)(DC)(DC)(DT)(DT)(DT)(DT)(DC)(DA)(DG)(DC)(DT)(DC)(DG)(DC)(DG)(DC)(DC)(DC)(DC)
(DA)(DA)(DA)(DT)(DG)(DA)(DA)(DA)(DA)(DT)(DA)(DT)(DA)(DG)(DC)(DT)(DA)(DA)(DA)(DC)
(DA)(DG)(DG)(DT)(DT)(DA)(DT)(DT)(DG)(DA)(DC)(DC)(DA)(DT)(DT)(DT)(DG)(DC)(DG)(DA)
(DA)(DA)(DT)(DG)(DT)(DA)(DT)(DC)(DT)(DA)(DA)(DT)(DG)(DG)(DT)(DC)(DA)(DA)(DA)(DC)
(DT)(DA)(DA)(DA)(DT)(DC)(DT)(DA)(DC)(DT)(DC)(DG)(DT)(DT)(DC)(DG)(DC)(DA)(DG)(DA)
(DA)(DT)(DT)(DG)(DG)(DG)(DA)(DA)(DT)(DC)(DA)(DA)(DC)(DT)(DG)(DT)(DT)(DA)(DT)(DA)
(DT)(DG)(DG)(DA)(DA)(DT)(DG)(DA)(DA)(DA)(DC)(DT)(DT)(DC)(DC)(DA)(DG)(DA)(DC)(DA)
(DC)(DC)(DG)(DT)(DA)(DC)(DT)(DT)(DT)(DA)(DG)(DT)(DT)(DG)(DC)(DA)(DT)(DA)(DT)(DT)
(DT)(DA)(DA)(DA)(DA)(DC)(DA)(DT)(DG)(DT)(DT)(DG)(DA)(DG)(DC)(DT)(DA)(DC)(DA)(DG)
(DC)(DA)(DT)(DT)(DA)(DT)(DA)(DT)(DT)(DC)(DA)(DG)(DC)(DA)(DA)(DT)(DT)(DA)(DA)(DG)
(DC)(DT)(DC)(DT)(DA)(DA)(DG)(DC)(DC)(DA)(DT)(DC)(DC)(DG)(DC)(DA)(DA)(DA)(DA)(DA)
(DT)(DG)(DA)(DC)(DC)(DT)(DC)(DT)(DT)(DA)(DT)(DC)(DA)(DA)(DA)(DA)(DG)(DG)(DA)(DG)
(DC)(DA)(DA)(DT)(DT)(DA)(DA)(DA)(DG)(DG)(DT)(DA)(DC)(DT)(DC)(DT)(DC)(DT)(DA)(DA)
(DT)(DC)(DC)(DT)(DG)(DA)(DC)(DC)(DT)(DG)(DT)(DT)(DG)(DG)(DA)(DG)(DT)(DT)(DT)(DG)
(DC)(DT)(DT)(DC)(DC)(DG)(DG)(DT)(DC)(DT)(DG)(DG)(DT)(DT)(DC)(DG)(DC)(DT)(DT)(DT)
(DG)(DA)(DA)(DG)(DC)(DT)(DC)(DG)(DA)(DA)(DT)(DT)(DA)(DA)(DA)(DA)(DC)(DG)(DC)(DG)
(DA)(DT)(DA)(DT)(DT)(DT)(DG)(DA)(DA)(DG)(DT)(DC)(DT)(DT)(DT)(DC)(DG)(DG)(DG)(DC)
(DT)(DT)(DC)(DC)(DT)(DC)(DT)(DT)(DA)(DA)(DT)(DC)(DT)(DT)(DT)(DT)(DT)(DG)(DA)(DT)
(DG)(DC)(DA)(DA)(DT)(DC)(DC)(DG)(DC)(DT)(DT)(DT)(DG)(DC)(DT)(DT)(DC)(DT)(DG)(DA)
(DC)(DT)(DA)(DT)(DA)(DA)(DT)(DA)(DG)(DT)(DC)(DA)(DG)(DG)(DG)(DT)(DA)(DA)(DA)(DG)
(DA)(DC)(DC)(DT)(DG)(DA)(DT)(DT)(DT)(DT)(DT)(DG)(DA)(DT)(DT)(DT)(DA)(DT)(DG)(DG)
(DT)(DC)(DA)(DT)(DT)(DC)(DT)(DC)(DG)(DT)(DT)(DT)(DT)(DC)(DT)(DG)(DA)(DA)(DC)(DT)
(DG)(DT)(DT)(DT)(DA)(DA)(DA)(DG)(DC)(DA)(DT)(DT)(DT)(DG)(DA)(DG)(DG)(DG)(DG)(DG)
(DA)(DT)(DT)(DC)(DA)(DA)(DT)(DG)(DA)(DA)(DT)(DA)(DT)(DT)(DT)(DA)(DT)(DG)(DA)(DC)
(DG)(DA)(DT)(DT)(DC)(DC)(DG)(DC)(DA)(DG)(DT)(DA)(DT)(DT)(DG)(DG)(DA)(DC)(DG)(DC)
(DT)(DA)(DT)(DC)(DC)(DA)(DG)(DT)(DC)(DT)(DA)(DA)(DA)(DC)(DA)(DT)(DT)(DT)(DT)(DA)
(DC)(DT)(DA)(DT)(DT)(DA)(DC)(DC)(DC)(DC)(DC)(DT)(DC)(DT)(DG)(DG)(DC)(DA)(DA)(DA)
(DA)(DC)(DT)(DT)(DC)(DT)(DT)(DT)(DT)(DG)(DC)(DA)(DA)(DA)(DA)(DG)(DC)(DC)(DT)(DC)
(DT)(DC)(DG)(DC)(DT)(DA)(DT)(DT)(DT)(DT)(DG)(DG)(DT)(DT)(DT)(DT)(DT)(DA)(DT)(DC)
(DG)(DT)(DC)(DG)(DT)(DC)(DT)(DG)(DG)(DT)(DA)(DA)(DA)(DC)(DG)(DA)(DG)(DG)(DG)(DT)
(DT)(DA)(DT)(DG)(DA)(DT)(DA)(DG)(DT)(DG)(DT)(DT)(DG)(DC)(DT)(DC)(DT)(DT)(DA)(DC)
(DT)(DA)(DT)(DG)(DC)(DC)(DT)(DC)(DG)(DT)(DA)(DA)(DT)(DT)(DC)(DC)(DT)(DT)(DT)(DT)
(DG)(DG)(DC)(DG)(DT)(DT)(DA)(DT)(DG)(DT)(DA)(DT)(DC)(DT)(DG)(DC)(DA)(DT)(DT)(DA)
(DG)(DT)(DT)(DG)(DA)(DA)(DT)(DG)(DT)(DG)(DG)(DT)(DA)(DT)(DT)(DC)(DC)(DT)(DA)(DA)
(DA)(DT)(DC)(DT)(DC)(DA)(DA)(DC)(DT)(DG)(DA)(DT)(DG)(DA)(DA)(DT)(DC)(DT)(DT)(DT)
(DC)(DT)(DA)(DC)(DC)(DT)(DG)(DT)(DA)(DA)(DT)(DA)(DA)(DT)(DG)(DT)(DT)(DG)(DT)(DT)
(DC)(DC)(DG)(DT)(DT)(DA)(DG)(DT)(DT)(DC)(DG)(DT)(DT)(DT)(DT)(DA)(DT)(DT)(DA)(DA)
(DC)(DG)(DT)(DA)(DG)(DA)(DT)(DT)(DT)(DT)(DT)(DC)(DT)(DT)(DC)(DC)(DC)(DA)(DA)(DC)
(DG)(DT)(DC)(DC)(DT)(DG)(DA)(DC)(DT)(DG)(DG)(DT)(DA)(DT)(DA)(DA)(DT)(DG)(DA)(DG)
(DC)(DC)(DA)(DG)(DT)(DT)(DC)(DT)(DT)(DA)(DA)(DA)(DA)(DT)(DC)(DG)(DC)(DA)(DT)(DA)
(DA)(DG)(DG)(DT)(DA)(DA)(DT)(DT)(DC)(DA)(DC)(DA)(DA)(DT)(DG)(DA)(DT)(DT)(DA)(DA)
(DA)(DG)(DT)(DT)(DG)(DA)(DA)(DA)(DT)(DT)(DA)(DA)(DA)(DC)(DC)(DA)(DT)(DC)(DT)(DC)
(DA)(DA)(DG)(DC)(DC)(DC)(DA)(DA)(DT)(DT)(DT)(DA)(DC)(DT)(DA)(DC)(DT)(DC)(DG)(DT)
(DT)(DC)(DT)(DG)(DG)(DT)(DG)(DT)(DT)(DT)(DC)(DT)(DC)(DG)(DT)(DC)(DA)(DG)(DG)(DG)
(DC)(DA)(DA)(DG)(DC)(DC)(DT)(DT)(DA)(DT)(DT)(DC)(DA)(DC)(DT)(DG)(DA)(DA)(DT)(DG)
(DA)(DG)(DC)(DA)(DG)(DC)(DT)(DT)(DT)(DG)(DT)(DT)(DA)(DC)(DG)(DT)(DT)(DG)(DA)(DT)
(DT)(DT)(DG)(DG)(DG)(DT)(DA)(DA)(DT)(DG)(DA)(DA)(DT)(DA)(DT)(DC)(DC)(DG)(DG)(DT)
(DT)(DC)(DT)(DT)(DG)(DT)(DC)(DA)(DA)(DG)(DA)(DT)(DT)(DA)(DC)(DT)(DC)(DT)(DT)(DG)
(DA)(DT)(DG)(DA)(DA)(DG)(DG)(DT)(DC)(DA)(DG)(DC)(DC)(DA)(DG)(DC)(DC)(DT)(DA)(DT)
(DG)(DC)(DG)(DC)(DC)(DT)(DG)(DG)(DT)(DC)(DT)(DG)(DT)(DA)(DC)(DA)(DC)(DC)(DG)(DT)
(DT)(DC)(DA)(DT)(DC)(DT)(DG)(DT)(DC)(DC)(DT)(DC)(DT)(DT)(DT)(DC)(DA)(DA)(DA)(DG)
(DT)(DT)(DG)(DG)(DT)(DC)(DA)(DG)(DT)(DT)(DC)(DG)(DG)(DT)(DT)(DC)(DC)(DC)(DT)(DT)
(DA)(DT)(DG)(DA)(DT)(DT)(DG)(DA)(DC)(DC)(DG)(DT)(DC)(DT)(DG)(DC)(DG)(DC)(DC)(DT)
(DC)(DG)(DT)(DT)(DC)(DC)(DG)(DG)(DC)(DT)(DA)(DA)(DG)(DT)(DA)(DA)(DC)(DA)(DT)(DG)
(DG)(DA)(DG)(DC)(DA)(DG)(DG)(DT)(DC)(DG)(DC)(DG)(DG)(DA)(DT)(DT)(DT)(DC)(DG)(DA)
(DC)(DA)(DC)(DA)(DA)(DT)(DT)(DT)(DA)(DT)(DC)(DA)(DG)(DG)(DC)(DG)(DA)(DT)(DG)(DA)
(DT)(DA)(DC)(DA)(DA)(DA)(DT)(DC)(DT)(DC)(DC)(DG)(DT)(DT)(DG)(DT)(DA)(DC)(DT)(DT)
(DT)(DG)(DT)(DT)(DT)(DC)(DG)(DC)(DG)(DC)(DT)(DT)(DG)(DG)(DT)(DA)(DT)(DA)(DA)(DT)
(DC)(DG)(DC)(DT)(DG)(DG)(DG)(DG)(DG)(DT)(DC)(DA)(DA)(DA)(DG)(DA)(DT)(DG)(DA)(DG)
(DT)(DG)(DT)(DT)(DT)(DT)(DA)(DG)(DT)(DG)(DT)(DA)(DT)(DT)(DC)(DT)(DT)(DT)(DT)(DG)
(DC)(DC)(DT)(DC)(DT)(DT)(DT)(DC)(DG)(DT)(DT)(DT)(DT)(DA)(DG)(DG)(DT)(DT)(DG)(DG)
(DT)(DG)(DC)(DC)(DT)(DT)(DC)(DG)(DT)(DA)(DG)(DT)(DG)(DG)(DC)(DA)(DT)(DT)(DA)(DC)
(DG)(DT)(DA)(DT)(DT)(DT)(DT)(DA)(DC)(DC)(DC)(DG)(DT)(DT)(DT)(DA)(DA)(DT)(DG)(DG)
(DA)(DA)(DA)(DC)(DT)(DT)(DC)(DC)(DT)(DC)(DA)(DT)(DG)(DA)(DA)(DA)(DA)(DA)(DG)(DT)
(DC)(DT)(DT)(DT)(DA)(DG)(DT)(DC)(DC)(DT)(DC)(DA)(DA)(DA)(DG)(DC)(DC)(DT)(DC)(DT)
(DG)(DT)(DA)(DG)(DC)(DC)(DG)(DT)(DT)(DG)(DC)(DT)(DA)(DC)(DC)(DC)(DT)(DC)(DG)(DT)
(DT)(DC)(DC)(DG)(DA)(DT)(DG)(DC)(DT)(DG)(DT)(DC)(DT)(DT)(DT)(DC)(DG)(DC)(DT)(DG)
(DC)(DT)(DG)(DA)(DG)(DG)(DG)(DT)(DG)(DA)(DC)(DG)(DA)(DT)(DC)(DC)(DC)(DG)(DC)(DA)
(DA)(DA)(DA)(DG)(DC)(DG)(DG)(DC)(DC)(DT)(DT)(DT)(DA)(DA)(DC)(DT)(DC)(DC)(DC)(DT)
(DG)(DC)(DA)(DA)(DG)(DC)(DC)(DT)(DC)(DA)(DG)(DC)(DG)(DA)(DC)(DC)(DG)(DA)(DA)(DT)
(DA)(DT)(DA)(DT)(DC)(DG)(DG)(DT)(DT)(DA)(DT)(DG)(DC)(DG)(DT)(DG)(DG)(DG)(DC)(DG)
(DA)(DT)(DG)(DG)(DT)(DT)(DG)(DT)(DT)(DG)(DT)(DC)(DA)(DT)(DT)(DG)(DT)(DC)(DG)(DG)
(DC)(DG)(DC)(DA)(DA)(DC)(DT)(DA)(DT)(DC)(DG)(DG)(DT)(DA)(DT)(DC)(DA)(DA)(DG)(DC)
(DT)(DG)(DT)(DT)(DT)(DA)(DA)(DG)(DA)(DA)(DA)(DT)(DT)(DC)(DA)(DC)(DC)(DT)(DC)(DG)
(DA)(DA)(DA)(DG)(DC)(DA)(DA)(DG)(DC)(DT)(DG)(DA)(DT)(DA)(DA)(DA)(DC)(DC)(DG)(DA)
(DT)(DA)(DC)(DA)(DA)(DT)(DT)(DA)(DA)(DA)(DG)(DG)(DC)(DT)(DC)(DC)(DT)(DT)(DT)(DT)
(DG)(DG)(DA)(DG)(DC)(DC)(DT)(DT)(DT)(DT)(DT)(DT)(DT)(DT)(DG)(DG)(DA)(DG)(DA)(DT)
(DT)(DT)(DT)(DC)(DA)(DA)(DC)(DG)(DT)(DG)(DA)(DA)(DA)(DA)(DA)(DA)(DT)(DT)(DA)(DT)
(DT)(DA)(DT)(DT)(DC)(DG)(DC)(DA)(DA)(DT)(DT)(DC)(DC)(DT)(DT)(DT)(DA)(DG)(DT)(DT)
(DG)(DT)(DT)(DC)(DC)(DT)(DT)(DT)(DC)(DT)(DA)(DT)(DT)(DC)(DT)(DC)(DA)(DC)(DT)(DC)
(DC)(DG)(DC)(DT)(DG)(DA)(DA)(DA)(DC)(DT)(DG)(DT)(DT)(DG)(DA)(DA)(DA)(DG)(DT)(DT)
(DG)(DT)(DT)(DT)(DA)(DG)(DC)(DA)(DA)(DA)(DA)(DT)(DC)(DC)(DC)(DA)(DT)(DA)(DC)(DA)
(DG)(DA)(DA)(DA)(DA)(DT)(DT)(DC)(DA)(DT)(DT)(DT)(DA)(DC)(DT)(DA)(DA)(DC)(DG)(DT)
(DC)(DT)(DG)(DG)(DA)(DA)(DA)(DG)(DA)(DC)(DG)(DA)(DC)(DA)(DA)(DA)(DA)(DC)(DT)(DT)
(DT)(DA)(DG)(DA)(DT)(DC)(DG)(DT)(DT)(DA)(DC)(DG)(DC)(DT)(DA)(DA)(DC)(DT)(DA)(DT)
(DG)(DA)(DG)(DG)(DG)(DC)(DT)(DG)(DT)(DC)(DT)(DG)(DT)(DG)(DG)(DA)(DA)(DT)(DG)(DC)
(DT)(DA)(DC)(DA)(DG)(DG)(DC)(DG)(DT)(DT)(DG)(DT)(DA)(DG)(DT)(DT)(DT)(DG)(DT)(DA)
(DC)(DT)(DG)(DG)(DT)(DG)(DA)(DC)(DG)(DA)(DA)(DA)(DC)(DT)(DC)(DA)(DG)(DT)(DG)(DT)
(DT)(DA)(DC)(DG)(DG)(DT)(DA)(DC)(DA)(DT)(DG)(DG)(DG)(DT)(DT)(DC)(DC)(DT)(DA)(DT)
(DT)(DG)(DG)(DG)(DC)(DT)(DT)(DG)(DC)(DT)(DA)(DT)(DC)(DC)(DC)(DT)(DG)(DA)(DA)(DA)
(DA)(DT)(DG)(DA)(DG)(DG)(DG)(DT)(DG)(DG)(DT)(DG)(DG)(DC)(DT)(DC)(DT)(DG)(DA)(DG)
(DG)(DG)(DT)(DG)(DG)(DC)(DG)(DG)(DT)(DT)(DC)(DT)(DG)(DA)(DG)(DG)(DG)(DT)(DG)(DG)
(DC)(DG)(DG)(DT)(DT)(DC)(DT)(DG)(DA)(DG)(DG)(DG)(DT)(DG)(DG)(DC)(DG)(DG)(DT)(DA)
(DC)(DT)(DA)(DA)(DA)(DC)(DC)(DT)(DC)(DC)(DT)(DG)(DA)(DG)(DT)(DA)(DC)(DG)(DG)(DT)
(DG)(DA)(DT)(DA)(DC)(DA)(DC)(DC)(DT)(DA)(DT)(DT)(DC)(DC)(DG)(DG)(DG)(DC)(DT)(DA)
(DT)(DA)(DC)(DT)(DT)(DA)(DT)(DA)(DT)(DC)(DA)(DA)(DC)(DC)(DC)(DT)(DC)(DT)(DC)(DG)
(DA)(DC)(DG)(DG)(DC)(DA)(DC)(DT)(DT)(DA)(DT)(DC)(DC)(DG)(DC)(DC)(DT)(DG)(DG)(DT)
(DA)(DC)(DT)(DG)(DA)(DG)(DC)(DA)(DA)(DA)(DA)(DC)(DC)(DC)(DC)(DG)(DC)(DT)(DA)(DA)
(DT)(DC)(DC)(DT)(DA)(DA)(DT)(DC)(DC)(DT)(DT)(DC)(DT)(DC)(DT)(DT)(DG)(DA)(DG)(DG)
(DA)(DG)(DT)(DC)(DT)(DC)(DA)(DG)(DC)(DC)(DT)(DC)(DT)(DT)(DA)(DA)(DT)(DA)(DC)(DT)
(DT)(DT)(DC)(DA)(DT)(DG)(DT)(DT)(DT)(DC)(DA)(DG)(DA)(DA)(DT)(DA)(DA)(DT)(DA)(DG)
(DG)(DT)(DT)(DC)(DC)(DG)(DA)(DA)(DA)(DT)(DA)(DG)(DG)(DC)(DA)(DG)(DG)(DG)(DG)(DG)
(DC)(DA)(DT)(DT)(DA)(DA)(DC)(DT)(DG)(DT)(DT)(DT)(DA)(DT)(DA)(DC)(DG)(DG)(DG)(DC)
(DA)(DC)(DT)(DG)(DT)(DT)(DA)(DC)(DT)(DC)(DA)(DA)(DG)(DG)(DC)(DA)(DC)(DT)(DG)(DA)
(DC)(DC)(DC)(DC)(DG)(DT)(DT)(DA)(DA)(DA)(DA)(DC)(DT)(DT)(DA)(DT)(DT)(DA)(DC)(DC)
(DA)(DG)(DT)(DA)(DC)(DA)(DC)(DT)(DC)(DC)(DT)(DG)(DT)(DA)(DT)(DC)(DA)(DT)(DC)(DA)
(DA)(DA)(DA)(DG)(DC)(DC)(DA)(DT)(DG)(DT)(DA)(DT)(DG)(DA)(DC)(DG)(DC)(DT)(DT)(DA)
(DC)(DT)(DG)(DG)(DA)(DA)(DC)(DG)(DG)(DT)(DA)(DA)(DA)(DT)(DT)(DC)(DA)(DG)(DA)(DG)
(DA)(DC)(DT)(DG)(DC)(DG)(DC)(DT)(DT)(DT)(DC)(DC)(DA)(DT)(DT)(DC)(DT)(DG)(DG)(DC)
(DT)(DT)(DT)(DA)(DA)(DT)(DG)(DA)(DG)(DG)(DA)(DT)(DT)(DT)(DA)(DT)(DT)(DT)(DG)(DT)
(DT)(DT)(DG)(DT)(DG)(DA)(DA)(DT)(DA)(DT)(DC)(DA)(DA)(DG)(DG)(DC)(DC)(DA)(DA)(DT)
(DC)(DG)(DT)(DC)(DT)(DG)(DA)(DC)(DC)(DT)(DG)(DC)(DC)(DT)(DC)(DA)(DA)(DC)(DC)(DT)
(DC)(DC)(DT)(DG)(DT)(DC)(DA)(DA)(DT)(DG)(DC)(DT)(DG)(DG)(DC)(DG)(DG)(DC)(DG)(DG)
(DC)(DT)(DC)(DT)(DG)(DG)(DT)(DG)(DG)(DT)(DG)(DG)(DT)(DT)(DC)(DT)(DG)(DG)(DT)(DG)
(DG)(DC)(DG)(DG)(DC)(DT)(DC)(DT)(DG)(DA)(DG)(DG)(DG)(DT)(DG)(DG)(DT)(DG)(DG)(DC)
(DT)(DC)(DT)(DG)(DA)(DG)(DG)(DG)(DT)(DG)(DG)(DC)(DG)(DG)(DT)(DT)(DC)(DT)(DG)(DA)
(DG)(DG)(DG)(DT)(DG)(DG)(DC)(DG)(DG)(DC)(DT)(DC)(DT)(DG)(DA)(DG)(DG)(DG)(DA)(DG)
(DG)(DC)(DG)(DG)(DT)(DT)(DC)(DC)(DG)(DG)(DT)(DG)(DG)(DT)(DG)(DG)(DC)(DT)(DC)(DT)
(DG)(DG)(DT)(DT)(DC)(DC)(DG)(DG)(DT)(DG)(DA)(DT)(DT)(DT)(DT)(DG)(DA)(DT)(DT)(DA)
(DT)(DG)(DA)(DA)(DA)(DA)(DG)(DA)(DT)(DG)(DG)(DC)(DA)(DA)(DA)(DC)(DG)(DC)(DT)(DA)
(DA)(DT)(DA)(DA)(DG)(DG)(DG)(DG)(DG)(DC)(DT)(DA)(DT)(DG)(DA)(DC)(DC)(DG)(DA)(DA)
(DA)(DA)(DT)(DG)(DC)(DC)(DG)(DA)(DT)(DG)(DA)(DA)(DA)(DA)(DC)(DG)(DC)(DG)(DC)(DT)
(DA)(DC)(DA)(DG)(DT)(DC)(DT)(DG)(DA)(DC)(DG)(DC)(DT)(DA)(DA)(DA)(DG)(DG)(DC)(DA)
(DA)(DA)(DC)(DT)(DT)(DG)(DA)(DT)(DT)(DC)(DT)(DG)(DT)(DC)(DG)(DC)(DT)(DA)(DC)(DT)
(DG)(DA)(DT)(DT)(DA)(DC)(DG)(DG)(DT)(DG)(DC)(DT)(DG)(DC)(DT)(DA)(DT)(DC)(DG)(DA)
(DT)(DG)(DG)(DT)(DT)(DT)(DC)(DA)(DT)(DT)(DG)(DG)(DT)(DG)(DA)(DC)(DG)(DT)(DT)(DT)
(DC)(DC)(DG)(DG)(DC)(DC)(DT)(DT)(DG)(DC)(DT)(DA)(DA)(DT)(DG)(DG)(DT)(DA)(DA)(DT)
(DG)(DG)(DT)(DG)(DC)(DT)(DA)(DC)(DT)(DG)(DG)(DT)(DG)(DA)(DT)(DT)(DT)(DT)(DG)(DC)
(DT)(DG)(DG)(DC)(DT)(DC)(DT)(DA)(DA)(DT)(DT)(DC)(DC)(DC)(DA)(DA)(DA)(DT)(DG)(DG)
(DC)(DT)(DC)(DA)(DA)(DG)(DT)(DC)(DG)(DG)(DT)(DG)(DA)(DC)(DG)(DG)(DT)(DG)(DA)(DT)
(DA)(DA)(DT)(DT)(DC)(DA)(DC)(DC)(DT)(DT)(DT)(DA)(DA)(DT)(DG)(DA)(DA)(DT)(DA)(DA)
(DT)(DT)(DT)(DC)(DC)(DG)(DT)(DC)(DA)(DA)(DT)(DA)(DT)(DT)(DT)(DA)(DC)(DC)(DT)(DT)
(DC)(DC)(DC)(DT)(DC)(DC)(DC)(DT)(DC)(DA)(DA)(DT)(DC)(DG)(DG)(DT)(DT)(DG)(DA)(DA)
(DT)(DG)(DT)(DC)(DG)(DC)(DC)(DC)(DT)(DT)(DT)(DT)(DG)(DT)(DC)(DT)(DT)(DT)(DG)(DG)
(DC)(DG)(DC)(DT)(DG)(DG)(DT)(DA)(DA)(DA)(DC)(DC)(DA)(DT)(DA)(DT)(DG)(DA)(DA)(DT)
(DT)(DT)(DT)(DC)(DT)(DA)(DT)(DT)(DG)(DA)(DT)(DT)(DG)(DT)(DG)(DA)(DC)(DA)(DA)(DA)
(DA)(DT)(DA)(DA)(DA)(DC)(DT)(DT)(DA)(DT)(DT)(DC)(DC)(DG)(DT)(DG)(DG)(DT)(DG)(DT)
(DC)(DT)(DT)(DT)(DG)(DC)(DG)(DT)(DT)(DT)(DC)(DT)(DT)(DT)(DT)(DA)(DT)(DA)(DT)(DG)
(DT)(DT)(DG)(DC)(DC)(DA)(DC)(DC)(DT)(DT)(DT)(DA)(DT)(DG)(DT)(DA)(DT)(DG)(DT)(DA)
(DT)(DT)(DT)(DT)(DC)(DT)(DA)(DC)(DG)(DT)(DT)(DT)(DG)(DC)(DT)(DA)(DA)(DC)(DA)(DT)
(DA)(DC)(DT)(DG)(DC)(DG)(DT)(DA)(DA)(DT)(DA)(DA)(DG)(DG)(DA)(DG)(DT)(DC)(DT)(DT)
(DA)(DA)(DT)(DC)(DA)(DT)(DG)(DC)(DC)(DA)(DG)(DT)(DT)(DC)(DT)(DT)(DT)(DT)(DG)(DG)
(DG)(DT)(DA)(DT)(DT)(DC)(DC)(DG)(DT)(DT)(DA)(DT)(DT)(DA)(DT)(DT)(DG)(DC)(DG)(DT)
(DT)(DT)(DC)(DC)(DT)(DC)(DG)(DG)(DT)(DT)(DT)(DC)(DC)(DT)(DT)(DC)(DT)(DG)(DG)(DT)
(DA)(DA)(DC)(DT)(DT)(DT)(DG)(DT)(DT)(DC)(DG)(DG)(DC)(DT)(DA)(DT)(DC)(DT)(DG)(DC)
(DT)(DT)(DA)(DC)(DT)(DT)(DT)(DT)(DC)(DT)(DT)(DA)(DA)(DA)(DA)(DA)(DG)(DG)(DG)(DC)
(DT)(DT)(DC)(DG)(DG)(DT)(DA)(DA)(DG)(DA)(DT)(DA)(DG)(DC)(DT)(DA)(DT)(DT)(DG)(DC)
(DT)(DA)(DT)(DT)(DT)(DC)(DA)(DT)(DT)(DG)(DT)(DT)(DT)(DC)(DT)(DT)(DG)(DC)(DT)(DC)
(DT)(DT)(DA)(DT)(DT)(DA)(DT)(DT)(DG)(DG)(DG)(DC)(DT)(DT)(DA)(DA)(DC)(DT)(DC)(DA)
(DA)(DT)(DT)(DC)(DT)(DT)(DG)(DT)(DG)(DG)(DG)(DT)(DT)(DA)(DT)(DC)(DT)(DC)(DT)(DC)
(DT)(DG)(DA)(DT)(DA)(DT)(DT)(DA)(DG)(DC)(DG)(DC)(DT)(DC)(DA)(DA)(DT)(DT)(DA)(DC)
(DC)(DC)(DT)(DC)(DT)(DG)(DA)(DC)(DT)(DT)(DT)(DG)(DT)(DT)(DC)(DA)(DG)(DG)(DG)(DT)
(DG)(DT)(DT)(DC)(DA)(DG)(DT)(DT)(DA)(DA)(DT)(DT)(DC)(DT)(DC)(DC)(DC)(DG)(DT)(DC)
(DT)(DA)(DA)(DT)(DG)(DC)(DG)(DC)(DT)(DT)(DC)(DC)(DC)(DT)(DG)(DT)(DT)(DT)(DT)(DT)
(DA)(DT)(DG)(DT)(DT)(DA)(DT)(DT)(DC)(DT)(DC)(DT)(DC)(DT)(DG)(DT)(DA)(DA)(DA)(DG)
(DG)(DC)(DT)(DG)(DC)(DT)(DA)(DT)(DT)(DT)(DT)(DC)(DA)(DT)(DT)(DT)(DT)(DT)(DG)(DA)
(DC)(DG)(DT)(DT)(DA)(DA)(DA)(DC)(DA)(DA)(DA)(DA)(DA)(DA)(DT)(DC)(DG)(DT)(DT)(DT)
(DC)(DT)(DT)(DA)(DT)(DT)(DT)(DG)(DG)(DA)(DT)(DT)(DG)(DG)(DG)(DA)(DT)(DA)(DA)(DA)
(DT)(DA)(DA)(DT)(DA)(DT)(DG)(DG)(DC)(DT)(DG)(DT)(DT)(DT)(DA)(DT)(DT)(DT)(DT)(DG)
(DT)(DA)(DA)(DC)(DT)(DG)(DG)(DC)(DA)(DA)(DA)(DT)(DT)(DA)(DG)(DG)(DC)(DT)(DC)(DT)
(DG)(DG)(DA)(DA)(DA)(DG)(DA)(DC)(DG)(DC)(DT)(DC)(DG)(DT)(DT)(DA)(DG)(DC)(DG)(DT)
(DT)(DG)(DG)(DT)(DA)(DA)(DG)(DA)(DT)(DT)(DC)(DA)(DG)(DG)(DA)(DT)(DA)(DA)(DA)(DA)
(DT)(DT)(DG)(DT)(DA)(DG)(DC)(DT)(DG)(DG)(DG)(DT)(DG)(DC)(DA)(DA)(DA)(DA)(DT)(DA)
(DG)(DC)(DA)(DA)(DC)(DT)(DA)(DA)(DT)(DC)(DT)(DT)(DG)(DA)(DT)(DT)(DT)(DA)(DA)(DG)
(DG)(DC)(DT)(DT)(DC)(DA)(DA)(DA)(DA)(DC)(DC)(DT)(DC)(DC)(DC)(DG)(DC)(DA)(DA)(DG)
(DT)(DC)(DG)(DG)(DG)(DA)(DG)(DG)(DT)(DT)(DC)(DG)(DC)(DT)(DA)(DA)(DA)(DA)(DC)(DG)
(DC)(DC)(DT)(DC)(DG)(DC)(DG)(DT)(DT)(DC)(DT)(DT)(DA)(DG)(DA)(DA)(DT)(DA)(DC)(DC)
(DG)(DG)(DA)(DT)(DA)(DA)(DG)(DC)(DC)(DT)(DT)(DC)(DT)(DA)(DT)(DA)(DT)(DC)(DT)(DG)
(DA)(DT)(DT)(DT)(DG)(DC)(DT)(DT)(DG)(DC)(DT)(DA)(DT)(DT)(DG)(DG)(DG)(DC)(DG)(DC)
(DG)(DG)(DT)(DA)(DA)(DT)(DG)(DA)(DT)(DT)(DC)(DC)(DT)(DA)(DC)(DG)(DA)(DT)(DG)(DA)
(DA)(DA)(DA)(DT)(DA)(DA)(DA)(DA)(DA)(DC)(DG)(DG)(DC)(DT)(DT)(DG)(DC)(DT)(DT)(DG)
(DT)(DT)(DC)(DT)(DC)(DG)(DA)(DT)(DG)(DA)(DG)(DT)(DG)(DC)(DG)(DG)(DT)(DA)(DC)(DT)
(DT)(DG)(DG)(DT)(DT)(DT)(DA)(DA)(DT)(DA)(DC)(DC)(DC)(DG)(DT)(DT)(DC)(DT)(DT)(DG)
(DG)(DA)(DA)(DT)(DG)(DA)(DT)(DA)(DA)(DG)(DG)(DA)(DA)(DA)(DG)(DA)(DC)(DA)(DG)(DC)
(DC)(DG)(DA)(DT)(DT)(DA)(DT)(DT)(DG)(DA)(DT)(DT)(DG)(DG)(DT)(DT)(DT)(DC)(DT)(DA)
(DC)(DA)(DT)(DG)(DC)(DT)(DC)(DG)(DT)(DA)(DA)(DA)(DT)(DT)(DA)(DG)(DG)(DA)(DT)(DG)
(DG)(DG)(DA)(DT)(DA)(DT)(DT)(DA)(DT)(DT)(DT)(DT)(DT)(DC)(DT)(DT)(DG)(DT)(DT)(DC)
(DA)(DG)(DG)(DA)(DC)(DT)(DT)(DA)(DT)(DC)(DT)(DA)(DT)(DT)(DG)(DT)(DT)(DG)(DA)(DT)
(DA)(DA)(DA)(DC)(DA)(DG)(DG)(DC)(DG)(DC)(DG)(DT)(DT)(DC)(DT)(DG)(DC)(DA)(DT)(DT)
(DA)(DG)(DC)(DT)(DG)(DA)(DA)(DC)(DA)(DT)(DG)(DT)(DT)(DG)(DT)(DT)(DT)(DA)(DT)(DT)
(DG)(DT)(DC)(DG)(DT)(DC)(DG)(DT)(DC)(DT)(DG)(DG)(DA)(DC)(DA)(DG)(DA)(DA)(DT)(DT)
(DA)(DC)(DT)(DT)(DT)(DA)(DC)(DC)(DT)(DT)(DT)(DT)(DG)(DT)(DC)(DG)(DG)(DT)(DA)(DC)
(DT)(DT)(DT)(DA)(DT)(DA)(DT)(DT)(DC)(DT)(DC)(DT)(DT)(DA)(DT)(DT)(DA)(DC)(DT)(DG)
(DG)(DC)(DT)(DC)(DG)(DA)(DA)(DA)(DA)(DT)(DG)(DC)(DC)(DT)(DC)(DT)(DG)(DC)(DC)(DT)
(DA)(DA)(DA)(DT)(DT)(DA)(DC)(DA)(DT)(DG)(DT)(DT)(DG)(DG)(DC)(DG)(DT)(DT)(DG)(DT)
(DT)(DA)(DA)(DA)(DT)(DA)(DT)(DG)(DG)(DC)(DG)(DA)(DT)(DT)(DC)(DT)(DC)(DA)(DA)(DT)
(DT)(DA)(DA)(DG)(DC)(DC)(DC)(DT)(DA)(DC)(DT)(DG)(DT)(DT)(DG)(DA)(DG)(DC)(DG)(DT)
(DT)(DG)(DG)(DC)(DT)(DT)(DT)(DA)(DT)(DA)(DC)(DT)(DG)(DG)(DT)(DA)(DA)(DG)(DA)(DA)
(DT)(DT)(DT)(DG)(DT)(DA)(DT)(DA)(DA)(DC)(DG)(DC)(DA)(DT)(DA)(DT)(DG)(DA)(DT)(DA)
(DC)(DT)(DA)(DA)(DA)(DC)(DA)(DG)(DG)(DC)(DT)(DT)(DT)(DT)(DT)(DC)(DT)(DA)(DG)(DT)
(DA)(DA)(DT)(DT)(DA)(DT)(DG)(DA)(DT)(DT)(DC)(DC)(DG)(DG)(DT)(DG)(DT)(DT)(DT)(DA)
(DT)(DT)(DC)(DT)(DT)(DA)(DT)(DT)(DT)(DA)(DA)(DC)(DG)(DC)(DC)(DT)(DT)(DA)(DT)(DT)
(DT)(DA)(DT)(DC)(DA)(DC)(DA)(DC)(DG)(DG)(DT)(DC)(DG)(DG)(DT)(DA)(DT)(DT)(DT)(DC)
(DA)(DA)(DA)(DC)(DC)(DA)(DT)(DT)(DA)(DA)(DA)(DT)(DT)(DT)(DA)(DG)(DG)(DT)(DC)(DA)
(DG)(DA)(DA)(DG)(DA)(DT)(DG)(DA)(DA)(DA)(DT)(DT)(DA)(DA)(DC)(DT)(DA)(DA)(DA)(DA)
(DT)(DA)(DT)(DA)(DT)(DT)(DT)(DG)(DA)(DA)(DA)(DA)(DA)(DG)(DT)(DT)(DT)(DT)(DC)(DT)
(DC)(DG)(DC)(DG)(DT)(DT)(DC)(DT)(DT)(DT)(DG)(DT)(DC)(DT)(DT)(DG)(DC)(DG)(DA)(DT)
(DT)(DG)(DG)(DA)(DT)(DT)(DT)(DG)(DC)(DA)(DT)(DC)(DA)(DG)(DC)(DA)(DT)(DT)(DT)(DA)
(DC)(DA)(DT)(DA)(DT)(DA)(DG)(DT)(DT)(DA)(DT)(DA)(DT)(DA)(DA)(DC)(DC)(DC)(DA)(DA)
(DC)(DC)(DT)(DA)(DA)(DG)(DC)(DC)(DG)(DG)(DA)(DG)(DG)(DT)(DT)(DA)(DA)(DA)(DA)(DA)
(DG)(DG)(DT)(DA)(DG)(DT)(DC)(DT)(DC)(DT)(DC)(DA)(DG)(DA)(DC)(DC)(DT)(DA)(DT)(DG)
(DA)(DT)(DT)(DT)(DT)(DG)(DA)(DT)(DA)(DA)(DA)(DT)(DT)(DC)(DA)(DC)(DT)(DA)(DT)(DT)
(DG)(DA)(DC)(DT)(DC)(DT)(DT)(DC)(DT)(DC)(DA)(DG)(DC)(DG)(DT)(DC)(DT)(DT)(DA)(DA)
(DT)(DC)(DT)(DA)(DA)(DG)(DC)(DT)(DA)(DT)(DC)(DG)(DC)(DT)(DA)(DT)(DG)(DT)(DT)(DT)
(DT)(DC)(DA)(DA)(DG)(DG)(DA)(DT)(DT)(DC)(DT)(DA)(DA)(DG)(DG)(DG)(DA)(DA)(DA)(DA)
(DT)(DT)(DA)(DA)(DT)(DT)(DA)(DA)(DT)(DA)(DG)(DC)(DG)(DA)(DC)(DG)(DA)(DT)(DT)(DT)
(DA)(DC)(DA)(DG)(DA)(DA)(DG)(DC)(DA)(DA)(DG)(DG)(DT)(DT)(DA)(DT)(DT)(DC)(DA)(DC)
(DT)(DC)(DA)(DC)(DA)(DT)(DA)(DT)(DA)(DT)(DT)(DG)(DA)(DT)(DT)(DT)(DA)(DT)(DG)(DT)
(DA)(DC)(DT)(DG)(DT)(DT)(DT)(DC)(DC)(DA)(DT)(DT)(DA)(DA)(DA)(DA)(DA)(DA)(DG)(DG)
(DT)(DA)(DA)(DT)(DT)(DC)(DA)(DA)(DA)(DT)(DG)(DA)(DA)(DA)(DT)(DT)(DG)(DT)(DT)(DA)
(DA)(DA)(DT)(DG)(DT)(DA)(DA)(DT)(DT)(DA)(DA)(DT)(DT)(DT)(DT)(DG)(DT)(DT)(DT)(DT)
(DC)(DT)(DT)(DG)(DA)(DT)(DG)(DT)(DT)(DT)(DG)(DT)(DT)(DT)(DC)(DA)(DT)(DC)(DA)(DT)
(DC)(DT)(DT)(DC)(DT)(DT)(DT)(DT)(DG)(DC)(DT)(DC)(DA)(DG)(DG)(DT)(DA)(DA)(DT)(DT)
(DG)(DA)(DA)(DA)(DT)(DG)(DA)(DA)(DT)(DA)(DA)(DT)(DT)(DC)(DG)(DC)(DC)(DT)(DC)(DT)
(DG)(DC)(DG)(DC)(DG)(DA)(DT)(DT)(DT)(DT)(DG)(DT)(DA)(DA)(DC)(DT)(DT)(DG)(DG)(DT)
(DA)(DT)(DT)(DC)(DA)(DA)(DA)(DG)(DC)(DA)(DA)(DT)(DC)(DA)(DG)(DG)(DC)(DG)(DA)(DA)
(DT)(DC)(DC)(DG)(DT)(DT)(DA)(DT)(DT)(DG)(DT)(DT)(DT)(DC)(DT)(DC)(DC)(DC)(DG)(DA)
(DT)(DG)(DT)(DA)(DA)(DA)(DA)(DG)(DG)(DT)(DA)(DC)(DT)(DG)(DT)(DT)(DA)(DC)(DT)(DG)
(DT)(DA)(DT)(DA)(DT)(DT)(DC)(DA)(DT)(DC)(DT)(DG)(DA)(DC)(DG)(DT)(DT)(DA)(DA)(DA)
(DC)(DC)(DT)(DG)(DA)(DA)(DA)(DA)(DT)(DC)(DT)(DA)(DC)(DG)(DC)(DA)(DA)(DT)(DT)(DT)
(DC)(DT)(DT)(DT)(DA)(DT)(DT)(DT)(DC)(DT)(DG)(DT)(DT)(DT)(DT)(DA)(DC)(DG)(DT)(DG)
(DC)(DA)(DA)(DA)(DT)(DA)(DA)(DT)(DT)(DT)(DT)(DG)(DA)(DT)(DA)(DT)(DG)(DG)(DT)(DA)
(DG)(DG)(DT)(DT)(DC)(DT)(DA)(DA)(DC)(DC)(DC)(DT)(DT)(DC)(DC)(DA)(DT)(DT)(DA)(DT)
(DT)(DC)(DA)(DG)(DA)(DA)(DG)(DT)(DA)(DT)(DA)(DA)(DT)(DC)(DC)(DA)(DA)(DA)(DC)(DA)
(DA)(DT)(DC)(DA)(DG)(DG)(DA)(DT)(DT)(DA)(DT)(DA)(DT)(DT)(DG)(DA)(DT)(DG)(DA)(DA)
(DT)(DT)(DG)(DC)(DC)(DA)(DT)(DC)(DA)(DT)(DC)(DT)(DG)(DA)(DT)(DA)(DA)(DT)(DC)(DA)
(DG)(DG)(DA)(DA)(DT)(DA)(DT)(DG)(DA)(DT)(DG)(DA)(DT)(DA)(DA)(DT)(DT)(DC)(DC)(DG)
(DC)(DT)(DC)(DC)(DT)(DT)(DC)(DT)(DG)(DG)(DT)(DG)(DG)(DT)(DT)(DT)(DC)(DT)(DT)(DT)
(DG)(DT)(DT)(DC)(DC)(DG)(DC)(DA)(DA)(DA)(DA)(DT)(DG)(DA)(DT)(DA)(DA)(DT)(DG)(DT)
(DT)(DA)(DC)(DT)(DC)(DA)(DA)(DA)(DC)(DT)(DT)(DT)(DT)(DA)(DA)(DA)(DA)(DT)(DT)(DA)
(DA)(DT)(DA)(DA)(DC)(DG)(DT)(DT)(DC)(DG)(DG)(DG)(DC)(DA)(DA)(DA)(DG)(DG)(DA)(DT)
(DT)(DT)(DA)(DA)(DT)(DA)(DC)(DG)(DA)(DG)(DT)(DT)(DG)(DT)(DC)(DG)(DA)(DA)(DT)(DT)
(DG)(DT)(DT)(DT)(DG)(DT)(DA)(DA)(DA)(DG)(DT)(DC)(DT)(DA)(DA)(DT)(DA)(DC)(DT)(DT)
(DC)(DT)(DA)(DA)(DA)(DT)(DC)(DC)(DT)(DC)(DA)(DA)(DA)(DT)(DG)(DT)(DA)(DT)(DT)(DA)
(DT)(DC)(DT)(DA)(DT)(DT)(DG)(DA)(DC)(DG)(DG)(DC)(DT)(DC)(DT)(DA)(DA)(DT)(DC)(DT)
(DA)(DT)(DT)(DA)(DG)(DT)(DT)(DG)(DT)(DT)(DA)(DG)(DT)(DG)(DC)(DT)(DC)(DC)(DT)(DA)
(DA)(DA)(DG)(DA)(DT)(DA)(DT)(DT)(DT)(DT)(DA)(DG)(DA)(DT)(DA)(DA)(DC)(DC)(DT)(DT)
(DC)(DC)(DT)(DC)(DA)(DA)(DT)(DT)(DC)(DC)(DT)(DT)(DT)(DC)(DA)(DA)(DC)(DT)(DG)(DT)
(DT)(DG)(DA)(DT)(DT)(DT)(DG)(DC)(DC)(DA)(DA)(DC)(DT)(DG)(DA)(DC)(DC)(DA)(DG)(DA)
(DT)(DA)(DT)(DT)(DG)(DA)(DT)(DT)(DG)(DA)(DG)(DG)(DG)(DT)(DT)(DT)(DG)(DA)(DT)(DA)
(DT)(DT)(DT)(DG)(DA)(DG)(DG)(DT)(DT)(DC)(DA)(DG)(DC)(DA)(DA)(DG)(DG)(DT)(DG)(DA)
(DT)(DG)(DC)(DT)(DT)(DT)(DA)(DG)(DA)(DT)(DT)(DT)(DT)(DT)(DC)(DA)(DT)(DT)(DT)(DG)
(DC)(DT)(DG)(DC)(DT)(DG)(DG)(DC)(DT)(DC)(DT)(DC)(DA)(DG)(DC)(DG)(DT)(DG)(DG)(DC)
(DA)(DC)(DT)(DG)(DT)(DT)(DG)(DC)(DA)(DG)(DG)(DC)(DG)(DG)(DT)(DG)(DT)(DT)(DA)(DA)
(DT)(DA)(DC)(DT)(DG)(DA)(DC)(DC)(DG)(DC)(DC)(DT)(DC)(DA)(DC)(DC)(DT)(DC)(DT)(DG)
(DT)(DT)(DT)(DT)(DA)(DT)(DC)(DT)(DT)(DC)(DT)(DG)(DC)(DT)(DG)(DG)(DT)(DG)(DG)(DT)
(DT)(DC)(DG)(DT)(DT)(DC)(DG)(DG)(DT)(DA)(DT)(DT)(DT)(DT)(DT)(DA)(DA)(DT)(DG)(DG)
(DC)(DG)(DA)(DT)(DG)(DT)(DT)(DT)(DT)(DA)(DG)(DG)(DG)(DC)(DT)(DA)(DT)(DC)(DA)(DG)
(DT)(DT)(DC)(DG)(DC)(DG)(DC)(DA)(DT)(DT)(DA)(DA)(DA)(DG)(DA)(DC)(DT)(DA)(DA)(DT)
(DA)(DG)(DC)(DC)(DA)(DT)(DT)(DC)(DA)(DA)(DA)(DA)(DA)(DT)(DA)(DT)(DT)(DG)(DT)(DC)
(DT)(DG)(DT)(DG)(DC)(DC)(DA)(DC)(DG)(DT)(DA)(DT)(DT)(DC)(DT)(DT)(DA)(DC)(DG)(DC)
(DT)(DT)(DT)(DC)(DA)(DG)(DG)(DT)(DC)(DA)(DG)(DA)(DA)(DG)(DG)(DG)(DT)(DT)(DC)(DT)
(DA)(DT)(DC)(DT)(DC)(DT)(DG)(DT)(DT)(DG)(DG)(DC)(DC)(DA)(DG)(DA)(DA)(DT)(DG)(DT)
(DC)(DC)(DC)(DT)(DT)(DT)(DT)(DA)(DT)(DT)(DA)(DC)(DT)(DG)(DG)(DT)(DC)(DG)(DT)(DG)
(DT)(DG)(DA)(DC)(DT)(DG)(DG)(DT)(DG)(DA)(DA)(DT)(DC)(DT)(DG)(DC)(DC)(DA)(DA)(DT)
(DG)(DT)(DA)(DA)(DA)(DT)(DA)(DA)(DT)(DC)(DC)(DA)(DT)(DT)(DT)(DC)(DA)(DG)(DA)(DC)
(DG)(DA)(DT)(DT)(DG)(DA)(DG)(DC)(DG)(DT)(DC)(DA)(DA)(DA)(DA)(DT)(DG)(DT)(DA)(DG)
(DG)(DT)(DA)(DT)(DT)(DT)(DC)(DC)(DA)(DT)(DG)(DA)(DG)(DC)(DG)(DT)(DT)(DT)(DT)(DT)
(DC)(DC)(DT)(DG)(DT)(DT)(DG)(DC)(DA)(DA)(DT)(DG)(DG)(DC)(DT)(DG)(DG)(DC)(DG)(DG)
(DT)(DA)(DA)(DT)(DA)(DT)(DT)(DG)(DT)(DT)(DC)(DT)(DG)(DG)(DA)(DT)(DA)(DT)(DT)(DA)
(DC)(DC)(DA)(DG)(DC)(DA)(DA)(DG)(DG)(DC)(DC)(DG)(DA)(DT)(DA)(DG)(DT)(DT)(DT)(DG)
(DA)(DG)(DT)(DT)(DC)(DT)(DT)(DC)(DT)(DA)(DC)(DT)(DC)(DA)(DG)(DG)(DC)(DA)(DA)(DG)
(DT)(DG)(DA)(DT)(DG)(DT)(DT)(DA)(DT)(DT)(DA)(DC)(DT)(DA)(DA)(DT)(DC)(DA)(DA)(DA)
(DG)(DA)(DA)(DG)(DT)(DA)(DT)(DT)(DG)(DC)(DT)(DA)(DC)(DA)(DA)(DC)(DG)(DG)(DT)(DT)
(DA)(DA)(DT)(DT)(DT)(DG)(DC)(DG)(DT)(DG)(DA)(DT)(DG)(DG)(DA)(DC)(DA)(DG)(DA)(DC)
(DT)(DC)(DT)(DT)(DT)(DT)(DA)(DC)(DT)(DC)(DG)(DG)(DT)(DG)(DG)(DC)(DC)(DT)(DC)(DA)
(DC)(DT)(DG)(DA)(DT)(DT)(DA)(DT)(DA)(DA)(DA)(DA)(DA)(DC)(DA)(DC)(DT)(DT)(DC)(DT)
(DC)(DA)(DG)(DG)(DA)(DT)(DT)(DC)(DT)(DG)(DG)(DC)(DG)(DT)(DA)(DC)(DC)(DG)(DT)(DT)
(DC)(DC)(DT)(DG)(DT)(DC)(DT)(DA)(DA)(DA)(DA)(DT)(DC)(DC)(DC)(DT)(DT)(DT)(DA)(DA)
(DT)(DC)(DG)(DG)(DC)(DC)(DT)(DC)(DC)(DT)(DG)(DT)(DT)(DT)(DA)(DG)(DC)(DT)(DC)(DC)
(DC)(DG)(DC)(DT)(DC)(DT)(DG)(DA)(DT)(DT)(DC)(DT)(DA)(DA)(DC)(DG)(DA)(DG)(DG)(DA)
(DA)(DA)(DG)(DC)(DA)(DC)(DG)(DT)(DT)(DA)(DT)(DA)(DC)(DG)(DT)(DG)(DC)(DT)(DC)(DG)
(DT)(DC)(DA)(DA)(DA)(DG)(DC)(DA)(DA)(DC)(DC)(DA)(DT)(DA)(DG)(DT)(DA)(DC)(DG)(DC)
(DG)(DC)(DC)(DC)(DT)(DG)(DT)(DA)(DG)(DC)(DG)(DG)(DC)(DG)(DC)(DA)(DT)(DT)(DA)(DA)
(DG)(DC)(DG)(DC)(DG)(DG)(DC)(DG)(DG)(DG)(DT)(DG)(DT)(DG)(DG)(DT)(DG)(DG)(DT)(DT)
(DA)(DC)(DG)(DC)(DG)(DC)(DA)(DG)(DC)(DG)(DT)(DG)(DA)(DC)(DC)(DG)(DC)(DT)(DA)(DC)
(DA)(DC)(DT)(DT)(DG)(DC)(DC)(DA)(DG)(DC)(DG)(DC)(DC)(DC)(DT)(DA)(DG)(DC)(DG)(DC)
(DC)(DC)(DG)(DC)(DT)(DC)(DC)(DT)(DT)(DT)(DC)(DG)(DC)(DT)(DT)(DT)(DC)(DT)(DT)(DC)
(DC)(DC)(DT)(DT)(DC)(DC)(DT)(DT)(DT)(DC)(DT)(DC)(DG)(DC)(DC)(DA)(DC)(DG)(DT)(DT)
(DC)(DG)(DC)(DC)(DG)(DG)(DC)(DT)(DT)(DT)(DC)(DC)(DC)(DC)(DG)(DT)(DC)(DA)(DA)(DG)
(DC)(DT)(DC)(DT)(DA)(DA)(DA)(DT)(DC)(DG)(DG)(DG)(DG)(DG)(DC)(DT)(DC)(DC)(DC)(DT)
(DT)(DT)(DA)(DG)(DG)(DG)(DT)(DT)(DC)(DC)(DG)(DA)(DT)(DT)(DT)(DA)(DG)(DT)(DG)(DC)
(DT)(DT)(DT)(DA)(DC)(DG)(DG)(DC)(DA)(DC)(DC)(DT)(DC)(DG)(DA)(DC)(DC)(DC)(DC)(DA)
(DA)(DA)(DA)(DA)(DA)(DC)(DT)(DT)(DG)(DA)(DT)(DT)(DT)(DG)(DG)(DG)(DT)(DG)(DA)(DT)
(DG)(DG)(DT)(DT)(DC)(DA)(DC)(DG)(DT)(DA)(DG)(DT)(DG)(DG)(DG)(DC)(DC)(DA)(DT)(DC)
(DG)(DC)(DC)(DC)
;
AA
2 'polydeoxyribonucleotide'
;(DT)(DT)(DT)(DT)(DT)(DT)(DT)(DT)(DT)(DT)(DA)(DC)(DT)(DA)(DA)(DA)(DG)(DA)(DC)(DT)
(DT)(DT)(DT)(DT)(DC)(DA)(DT)(DA)(DC)(DA)(DG)(DA)(DG)(DG)(DG)(DA)(DG)(DC)(DC)(DT)
;
AB
3 'polydeoxyribonucleotide'
;(DT)(DT)(DT)(DT)(DT)(DT)(DT)(DT)(DT)(DT)(DA)(DC)(DA)(DG)(DA)(DC)(DC)(DA)(DG)(DG)
(DC)(DG)(DA)(DG)(DC)(DT)(DG)(DC)(DT)(DC)(DA)(DT)(DT)(DC)(DT)(DT)(DT)(DT)(DT)(DT)
(DT)(DT)(DT)(DT)
;
AC
4 'polydeoxyribonucleotide'
;(DC)(DA)(DT)(DA)(DG)(DG)(DC)(DT)(DG)(DG)(DC)(DT)(DG)(DA)(DT)(DT)(DT)(DG)(DA)(DA)
(DA)(DG)(DA)(DG)(DG)(DA)(DC)(DA)(DG)(DA)(DT)(DG)(DA)(DA)(DC)(DG)(DG)(DT)(DG)(DT)
(DT)(DT)(DT)(DT)(DT)(DT)(DT)(DT)(DT)(DT)
;
AD
5 'polydeoxyribonucleotide'
;(DC)(DC)(DT)(DT)(DC)(DA)(DT)(DT)(DT)(DA)(DC)(DC)(DC)(DA)(DA)(DA)(DC)(DA)(DC)(DC)
(DA)(DA)(DA)(DT)(DT)(DT)(DC)(DA)(DC)(DC)(DA)(DG)(DT)(DC)(DA)(DG)(DG)(DA)(DC)(DG)
(DT)(DT)(DG)(DG)(DG)(DA)(DA)
;
AE
6 'polydeoxyribonucleotide'
;(DG)(DG)(DC)(DT)(DT)(DG)(DC)(DG)(DA)(DC)(DA)(DA)(DC)(DA)(DT)(DA)(DA)(DA)(DC)(DA)
(DA)(DG)(DT)(DC)(DT)(DT)(DT)(DC)(DC)(DA)(DG)(DA)(DC)(DG)(DT)(DT)(DA)(DG)(DT)(DA)
(DA)(DA)(DG)(DT)(DA)(DT)(DG)(DG)(DG)
;
AF
7 'polydeoxyribonucleotide'
;(DC)(DT)(DC)(DA)(DG)(DC)(DA)(DG)(DA)(DA)(DT)(DT)(DT)(DC)(DA)(DA)(DC)(DA)(DA)(DC)
(DT)(DC)(DA)(DG)(DA)(DC)(DA)(DG)(DC)(DC)(DC)(DT)(DC)(DA)(DT)(DA)(DG)(DT)(DT)(DA)
(DG)(DC)(DT)(DG)(DA)(DG)(DA)(DA)(DT)
;
AG
8 'polydeoxyribonucleotide'
;(DA)(DG)(DG)(DG)(DT)(DA)(DG)(DC)(DA)(DA)(DC)(DG)(DG)(DC)(DT)(DG)(DA)(DG)(DG)(DA)
(DA)(DG)(DT)(DT)(DT)(DC)(DC)(DA)(DT)(DT)(DA)(DA)(DA)(DC)(DG)(DC)(DG)(DG)(DA)(DA)
(DC)(DG)(DT)(DT)(DA)(DT)(DC)(DA)(DG)
;
AH
9 'polydeoxyribonucleotide'
;(DG)(DT)(DT)(DG)(DC)(DG)(DC)(DC)(DG)(DA)(DC)(DA)(DA)(DT)(DA)(DG)(DG)(DG)(DA)(DG)
(DT)(DC)(DA)(DG)(DA)(DG)(DC)(DC)(DC)(DG)(DT)(DT)(DT)(DT)(DC)(DG)(DT)(DG)(DA)(DA)
(DT)(DT)(DA)(DT)(DC)(DA)(DC)(DA)(DA)
;
AI
10 'polydeoxyribonucleotide'
;(DA)(DC)(DC)(DG)(DA)(DT)(DA)(DA)(DG)(DC)(DG)(DG)(DA)(DG)(DG)(DT)(DA)(DA)(DC)(DG)
(DA)(DT)(DC)(DT)(DA)(DA)(DA)(DG)(DT)(DT)(DT)(DT)(DG)(DT)(DC)(DC)(DT)(DT)(DT)(DC)
(DA)(DA)
;
AJ
11 'polydeoxyribonucleotide'
;(DT)(DT)(DA)(DA)(DA)(DC)(DA)(DG)(DC)(DT)(DT)(DG)(DA)(DT)(DG)(DC)(DG)(DG)(DG)(DA)
(DT)(DA)(DG)(DC)(DC)(DG)(DC)(DC)(DT)(DC)(DA)(DT)(DA)(DG)(DC)(DG)(DA)(DC)(DG)(DG)
(DA)(DA)(DT)(DT)(DA)(DG)(DA)(DG)(DC)(DC)(DA)(DG)(DC)(DA)
;
AK
12 'polydeoxyribonucleotide'
;(DT)(DT)(DT)(DT)(DT)(DT)(DT)(DT)(DT)(DT)(DG)(DC)(DT)(DC)(DC)(DA)(DA)(DA)(DA)(DG)
(DC)(DT)(DT)(DT)(DG)(DA)(DG)(DG)(DT)(DT)(DT)(DT)(DT)(DT)(DT)(DT)(DT)(DT)
;
AL
13 'polydeoxyribonucleotide'
;(DT)(DT)(DT)(DT)(DT)(DT)(DT)(DT)(DT)(DT)(DA)(DG)(DT)(DG)(DA)(DA)(DT)(DA)(DA)(DG)
(DG)(DC)(DG)(DA)(DA)(DT)(DT)(DA)(DC)(DC)(DT)(DT)(DA)(DT)(DT)(DT)(DT)(DT)(DT)(DT)
(DT)(DT)(DT)(DT)
;
AM
14 'polydeoxyribonucleotide'
;(DT)(DA)(DA)(DT)(DA)(DA)(DT)(DT)(DA)(DC)(DA)(DA)(DC)(DG)(DT)(DT)(DT)(DC)(DA)(DG)
(DG)(DG)(DA)(DT)(DA)(DG)(DC)(DA)(DT)(DA)(DC)(DC)(DG)(DC)(DC)
;
AN
15 'polydeoxyribonucleotide'
;(DA)(DA)(DT)(DC)(DT)(DC)(DC)(DA)(DG)(DT)(DT)(DT)(DC)(DG)(DT)(DA)(DG)(DG)(DA)(DA)
(DC)(DC)(DC)(DA)(DT)(DG)(DT)(DA)(DC)(DC)(DT)(DT)(DT)(DT)(DT)(DT)(DT)(DT)(DT)(DT)
;
AO
16 'polydeoxyribonucleotide'
;(DA)(DC)(DT)(DT)(DT)(DA)(DA)(DT)(DC)(DA)(DT)(DT)(DG)(DT)(DT)(DT)(DG)(DC)(DC)(DC)
(DT)(DA)(DA)(DT)(DT)(DA)(DC)(DG)(DC)(DG)(DT)(DT)(DT)(DA)(DC)(DG)(DA)(DA)(DG)(DC)
(DA)(DA)
;
AP
17 'polydeoxyribonucleotide'
;(DT)(DG)(DA)(DA)(DT)(DG)(DG)(DG)(DC)(DT)(DT)(DG)(DA)(DG)(DA)(DT)(DG)(DG)(DT)(DT)
(DT)(DG)(DA)(DA)(DC)(DG)(DA)(DG)(DC)(DA)(DG)(DA)(DT)(DA)(DC)
;
AQ
18 'polydeoxyribonucleotide'
;(DC)(DC)(DT)(DG)(DT)(DA)(DG)(DC)(DA)(DT)(DT)(DC)(DC)(DA)(DA)(DA)(DA)(DG)(DG)(DA)
(DA)(DG)(DG)(DG)(DT)(DC)(DA)(DG)(DA)(DA)(DA)(DG)(DC)(DG)(DC)(DC)(DG)(DA)(DG)(DG)
(DA)(DA)(DA)(DA)(DA)(DG)(DA)(DC)(DA)
;
AR
19 'polydeoxyribonucleotide'
;(DT)(DC)(DA)(DC)(DC)(DA)(DG)(DT)(DA)(DC)(DA)(DA)(DA)(DC)(DT)(DT)(DT)(DT)(DT)(DC)
(DA)(DT)(DA)(DC)(DT)(DG)(DG)(DT)(DC)(DC)(DG)(DT)(DT)(DC)(DC)(DA)(DC)(DA)(DA)(DA)
(DG)(DT)
;
AS
20 'polydeoxyribonucleotide'
;(DT)(DT)(DT)(DT)(DT)(DT)(DT)(DT)(DT)(DT)(DG)(DT)(DA)(DA)(DC)(DA)(DC)(DT)(DG)(DA)
(DA)(DA)(DA)(DA)(DA)(DA)(DA)(DG)(DT)(DT)(DT)(DT)(DT)(DT)(DT)(DT)(DT)(DT)
;
AT
21 'polydeoxyribonucleotide'
;(DA)(DG)(DC)(DG)(DC)(DG)(DA)(DA)(DA)(DC)(DA)(DA)(DA)(DG)(DT)(DA)(DC)(DA)(DA)(DT)
(DT)(DT)(DT)(DC)(DG)(DG)(DA)(DC)(DC)(DA)(DG)(DA)(DA)(DA)(DA)(DA)(DT)(DA)(DA)(DA)
(DT)(DA)(DT)(DA)(DA)(DA)(DC)
;
AU
22 'polydeoxyribonucleotide'
;(DA)(DC)(DC)(DT)(DG)(DC)(DT)(DC)(DC)(DC)(DA)(DA)(DT)(DC)(DA)(DT)(DA)(DC)(DC)(DG)
(DA)(DT)(DA)(DT)(DA)(DT)(DT)(DC)(DG)(DG)(DC)(DA)(DG)(DG)(DA)(DG)(DG)
;
AV
23 'polydeoxyribonucleotide'
;(DG)(DA)(DA)(DA)(DA)(DA)(DT)(DC)(DT)(DA)(DC)(DG)(DT)(DT)(DC)(DA)(DA)(DC)(DT)(DT)
(DA)(DT)(DA)(DA)(DT)(DG)(DG)(DA)(DT)(DA)(DA)(DG)(DA)(DA)(DA)(DT)(DA)(DG)(DT)(DA)
(DT)(DA)(DA)(DA)(DG)(DC)(DT)(DA)(DA)(DA)(DT)(DC)(DG)(DG)
;
AW
24 'polydeoxyribonucleotide'
;(DT)(DT)(DT)(DT)(DT)(DT)(DT)(DT)(DT)(DT)(DC)(DC)(DG)(DT)(DA)(DC)(DT)(DC)(DA)(DG)
(DG)(DA)(DG)(DG)(DT)(DT)(DT)(DA)(DG)(DA)(DG)(DC)(DC)(DC)(DA)(DA)
;
AX
25 'polydeoxyribonucleotide'
;(DT)(DT)(DT)(DT)(DT)(DT)(DT)(DT)(DT)(DT)(DG)(DC)(DG)(DA)(DT)(DT)(DT)(DT)(DA)(DA)
(DG)(DA)(DA)(DC)(DT)(DG)(DG)(DC)(DT)(DT)(DA)(DA)(DC)(DG)(DG)(DA)
;
AY
26 'polydeoxyribonucleotide'
;(DA)(DC)(DC)(DC)(DT)(DC)(DA)(DG)(DA)(DG)(DC)(DC)(DA)(DC)(DC)(DA)(DC)(DA)(DC)(DC)
(DC)(DT)(DC)(DT)(DG)(DC)(DC)(DG)(DT)(DC)(DA)(DA)(DC)(DA)(DT)(DA)(DA)(DA)(DA)(DG)
(DA)(DG)(DC)(DA)
;
AZ
27 'polydeoxyribonucleotide'
;(DT)(DT)(DT)(DT)(DT)(DT)(DT)(DT)(DT)(DT)(DT)(DA)(DG)(DA)(DA)(DA)(DG)(DA)(DT)(DG)
(DT)(DA)(DA)(DG)(DA)(DG)(DC)(DA)(DT)(DT)(DT)(DT)(DT)(DT)(DT)(DT)(DT)(DT)
;
Aa
28 'polydeoxyribonucleotide'
;(DT)(DT)(DG)(DA)(DG)(DA)(DT)(DT)(DT)(DA)(DG)(DG)(DA)(DA)(DC)(DA)(DA)(DA)(DA)(DG)
(DG)(DG)(DA)(DC)(DG)(DA)(DG)(DA)(DA)(DA)(DT)(DC)(DA)(DA)(DC)(DG)(DT)(DA)(DA)(DC)
(DA)(DA)
;
Ab
29 'polydeoxyribonucleotide'
;(DG)(DG)(DG)(DT)(DT)(DT)(DT)(DG)(DC)(DT)(DC)(DA)(DG)(DT)(DA)(DT)(DT)(DA)(DG)(DA)
(DC)(DA)(DA)(DT)(DT)(DG)(DA)(DG)(DT)(DT)(DT)(DT)(DA)(DT)(DT)(DC)(DA)(DA)(DG)(DA)
(DA)(DA)(DT)(DC)(DA)(DT)(DT)(DT)(DG)
;
Ac
30 'polydeoxyribonucleotide'
;(DG)(DA)(DG)(DA)(DG)(DG)(DG)(DT)(DT)(DT)(DA)(DA)(DC)(DG)(DT)(DT)(DG)(DC)(DG)(DA)
(DA)(DC)(DT)(DT)(DG)(DC)(DT)(DT)(DT)(DC)(DG)(DA)(DG)(DG)(DT)(DG)(DC)(DG)(DA)(DA)
(DA)(DG)
;
Ad
31 'polydeoxyribonucleotide'
;(DA)(DA)(DG)(DT)(DA)(DT)(DA)(DA)(DG)(DC)(DA)(DG)(DC)(DC)(DA)(DG)(DC)(DA)(DA)(DT)
(DA)(DT)(DA)(DT)(DT)(DA)(DA)(DA)(DA)(DC)(DC)(DA)(DA)(DT)(DC)(DA)(DA)(DA)(DC)(DA)
(DA)(DA)
;
Ae
32 'polydeoxyribonucleotide'
;(DG)(DC)(DC)(DC)(DG)(DG)(DA)(DA)(DG)(DG)(DA)(DG)(DT)(DG)(DC)(DG)(DT)(DT)(DG)(DA)
(DA)(DT)(DT)(DA)(DA)(DT)(DT)(DG)(DT)(DA)(DT)(DC)(DG)(DG)(DT)
;
Af
33 'polydeoxyribonucleotide'
;(DA)(DG)(DG)(DC)(DA)(DT)(DA)(DT)(DC)(DA)(DT)(DC)(DA)(DG)(DA)(DC)(DA)(DA)(DC)(DA)
(DT)(DT)(DA)(DT)(DT)(DA)(DC)(DA)(DG)(DG)(DT)(DT)(DT)(DT)(DT)(DT)(DT)(DT)(DT)(DT)
;
Ag
34 'polydeoxyribonucleotide'
;(DT)(DC)(DT)(DG)(DA)(DA)(DA)(DC)(DA)(DT)(DG)(DA)(DT)(DG)(DT)(DA)(DG)(DT)(DA)(DA)
(DA)(DG)(DA)(DA)(DC)(DC)(DG)(DG)(DA)(DT)(DA)(DT)(DT)(DC)(DA)(DC)(DA)(DA)(DG)(DA)
(DG)(DT)
;
Ah
35 'polydeoxyribonucleotide'
;(DC)(DT)(DA)(DT)(DT)(DA)(DT)(DG)(DG)(DC)(DA)(DG)(DG)(DT)(DC)(DA)(DA)(DT)(DA)(DT)
(DC)(DG)(DC)(DG)(DT)(DT)(DT)(DT)(DT)(DT)(DT)(DG)(DC)(DG)(DG)(DA)(DT)(DG)(DG)(DC)
(DG)(DT)
;
Ai
36 'polydeoxyribonucleotide'
;(DT)(DC)(DG)(DG)(DA)(DA)(DC)(DA)(DT)(DT)(DT)(DT)(DG)(DC)(DA)(DC)(DC)(DA)(DT)(DC)
(DG)(DC)(DC)(DC)(DA)(DC)(DG)(DC)(DA)(DT)(DA)(DA)(DC)(DA)(DA)(DT)(DT)(DT)(DT)(DT)
(DC)(DT)
;
Aj
37 'polydeoxyribonucleotide'
;(DG)(DC)(DC)(DC)(DC)(DC)(DT)(DT)(DG)(DA)(DT)(DA)(DT)(DT)(DT)(DG)(DA)(DT)(DT)(DA)
(DA)(DA)(DG)(DA)(DA)(DA)(DA)(DT)(DC)(DA)(DG)(DA)(DC)(DG)(DA)(DA)(DG)(DT)(DA)(DT)
(DC)(DA)
;
Ak
38 'polydeoxyribonucleotide'
;(DG)(DT)(DG)(DC)(DC)(DC)(DG)(DT)(DC)(DC)(DT)(DC)(DA)(DT)(DG)(DA)(DA)(DT)(DA)(DC)
(DC)(DG)(DG)(DC)(DA)(DA)(DC)(DA)(DA)(DA)(DA)(DA)(DG)(DG)(DT)(DA)(DT)(DT)(DC)(DT)
(DT)(DA)
;
Al
39 'polydeoxyribonucleotide'
;(DT)(DT)(DT)(DT)(DT)(DT)(DT)(DT)(DT)(DT)(DT)(DT)(DT)(DT)(DG)(DA)(DT)(DG)(DA)(DT)
(DA)(DC)(DA)(DT)(DA)(DG)(DG)(DT)(DG)(DT)(DA)(DT)(DC)(DA)(DT)(DT)(DT)(DT)(DT)(DT)
(DT)(DT)(DT)(DT)
;
Am
40 'polydeoxyribonucleotide'
;(DT)(DT)(DT)(DT)(DT)(DT)(DT)(DT)(DT)(DT)(DA)(DC)(DA)(DC)(DT)(DA)(DT)(DC)(DA)(DA)
(DC)(DT)(DG)(DG)(DA)(DT)(DA)(DG)(DT)(DT)(DT)(DT)(DT)(DT)(DT)(DT)(DT)(DT)
;
An
41 'polydeoxyribonucleotide'
;(DC)(DA)(DG)(DA)(DC)(DG)(DA)(DC)(DG)(DA)(DT)(DA)(DA)(DA)(DA)(DT)(DA)(DA)(DC)(DG)
(DC)(DT)(DA)(DC)(DC)(DA)(DC)(DA)(DT)(DT)(DA)(DA)(DT)(DA)(DA)(DA)(DA)(DC)(DG)(DA)
(DA)(DC)(DC)(DA)(DT)(DT)(DA)(DT)(DA)
;
Ao
42 'polydeoxyribonucleotide'
;(DA)(DA)(DC)(DC)(DA)(DA)(DA)(DA)(DT)(DA)(DG)(DC)(DG)(DA)(DC)(DA)(DA)(DA)(DA)(DG)
(DA)(DA)(DA)(DT)(DC)(DT)(DT)(DG)(DA)(DA)(DG)(DG)(DG)(DA)(DA)(DC)(DC)(DG)(DA)(DA)
(DC)(DT)(DG)(DA)(DC)(DC)(DA)(DA)(DC)
;
Ap
43 'polydeoxyribonucleotide'
;(DT)(DA)(DA)(DA)(DG)(DC)(DC)(DC)(DC)(DC)(DT)(DC)(DA)(DG)(DC)(DG)(DT)(DC)(DA)(DC)
(DC)(DA)(DC)(DG)(DA)(DA)(DG)(DG)(DC)(DA)(DC)(DC)(DA)(DA)(DC)(DG)(DC)(DG)(DA)(DT)
(DT)(DA)(DT)(DA)(DC)(DC)(DA)
;
Aq
44 'polydeoxyribonucleotide'
;(DG)(DA)(DA)(DT)(DT)(DT)(DA)(DA)(DA)(DT)(DA)(DA)(DG)(DT)(DT)(DT)(DG)(DA)(DT)(DA)
(DT)(DA)(DC)(DC)(DC)(DT)(DC)(DA)(DG)(DA)(DA)(DC)(DC)(DG)(DC)(DC)(DC)(DC)(DT)(DC)
(DA)(DT)
;
Ar
45 'polydeoxyribonucleotide'
;(DA)(DG)(DT)(DT)(DT)(DT)(DG)(DA)(DT)(DC)(DC)(DC)(DC)(DC)(DT)(DG)(DA)(DC)(DC)(DA)
(DT)(DA)(DA)(DA)(DT)(DC)(DA)(DA)(DA)(DA)(DA)(DA)(DA)(DG)(DA)(DT)(DT)(DA)(DA)(DG)
(DA)(DG)
;
As
46 'polydeoxyribonucleotide'
;(DG)(DC)(DA)(DT)(DT)(DG)(DA)(DT)(DC)(DG)(DC)(DT)(DG)(DA)(DG)(DA)(DG)(DG)(DC)(DG)
(DC)(DA)(DG)(DA)(DC)(DG)(DG)(DT)(DA)(DT)(DG)(DT)(DT)(DA)(DC)(DT)(DG)(DT)(DG)(DT)
(DC)(DG)(DA)(DA)(DA)(DT)(DC)(DC)(DG)(DC)(DG)
;
At
47 'polydeoxyribonucleotide'
;(DG)(DC)(DC)(DG)(DC)(DC)(DA)(DT)(DT)(DG)(DG)(DC)(DC)(DT)(DG)(DC)(DC)(DT)(DA)(DT)
(DT)(DA)(DG)(DA)(DG)(DA)(DA)(DG)(DG)(DA)(DT)(DT)(DA)(DG)(DG)(DA)(DA)(DC)(DA)(DC)
(DC)(DC)(DA)(DT)(DC)(DA)(DG)(DA)(DG)
;
Au
48 'polydeoxyribonucleotide'
;(DG)(DC)(DC)(DA)(DC)(DC)(DA)(DA)(DG)(DA)(DA)(DT)(DG)(DG)(DT)(DG)(DC)(DC)(DT)(DT)
(DG)(DG)(DG)(DA)(DT)(DA)(DA)(DG)(DA)(DG)(DA)(DA)(DC)(DC)(DG)(DC)(DC)
;
Av
49 'polydeoxyribonucleotide'
;(DC)(DC)(DT)(DC)(DA)(DG)(DA)(DT)(DT)(DG)(DC)(DC)(DA)(DT)(DG)(DA)(DG)(DG)(DG)(DA)
(DG)(DG)(DG)(DA)(DA)(DG)(DG)(DT)(DG)(DA)(DA)(DA)(DC)(DG)(DC)(DA)(DC)(DG)(DC)(DA)
(DA)(DT)
;
Aw
50 'polydeoxyribonucleotide'
;(DT)(DT)(DT)(DT)(DT)(DT)(DT)(DT)(DT)(DT)(DG)(DA)(DA)(DC)(DC)(DG)(DC)(DC)(DT)(DC)
(DC)(DC)(DG)(DT)(DC)(DA)(DT)(DA)(DC)(DA)(DT)(DG)(DG)(DC)(DT)(DT)(DT)(DT)(DT)(DT)
(DT)(DT)(DT)(DT)
;
Ax
51 'polydeoxyribonucleotide'
;(DT)(DT)(DT)(DT)(DT)(DT)(DT)(DT)(DT)(DT)(DC)(DG)(DT)(DC)(DC)(DA)(DA)(DT)(DA)(DC)
(DT)(DG)(DC)(DG)(DG)(DA)(DT)(DG)(DT)(DT)(DT)(DA)(DG)(DT)(DA)(DA)(DC)(DC)(DC)(DT)
;
Ay
52 'polydeoxyribonucleotide'
;(DA)(DT)(DC)(DG)(DT)(DC)(DA)(DG)(DT)(DC)(DT)(DT)(DT)(DA)(DC)(DC)(DC)(DT)(DG)(DA)
(DC)(DT)(DA)(DT)(DT)(DA)(DT)(DT)(DT)(DT)(DT)(DT)(DT)(DT)(DT)(DT)
;
Az
53 'polydeoxyribonucleotide'
;(DC)(DA)(DT)(DT)(DA)(DG)(DC)(DG)(DT)(DC)(DA)(DG)(DA)(DC)(DG)(DA)(DT)(DA)(DA)(DA)
(DT)(DT)(DT)(DA)(DG)(DC)(DC)(DG)(DG)(DA)(DA)(DC)(DT)(DA)(DA)(DA)(DA)(DC)(DA)(DC)
(DT)(DC)(DT)(DT)(DG)(DT)(DA)(DT)(DC)(DA)(DT)(DC)(DG)(DC)(DC)(DT)(DT)(DG)(DT)(DA)
(DG)(DC)(DG)
;
A0
54 'polydeoxyribonucleotide'
;(DA)(DT)(DT)(DA)(DA)(DA)(DG)(DA)(DT)(DC)(DG)(DG)(DC)(DA)(DC)(DG)(DG)(DA)(DG)(DA)
(DT)(DA)(DT)(DC)(DT)(DT)(DT)(DG)(DA)(DC)(DC)(DC)(DC)(DC)(DA)(DC)(DT)(DA)(DA)(DA)
(DA)(DC)(DC)(DG)(DC)(DT)(DT)(DT)(DT)
;
A1
55 'polydeoxyribonucleotide'
;(DA)(DA)(DG)(DG)(DG)(DC)(DG)(DA)(DC)(DA)(DT)(DT)(DC)(DA)(DA)(DT)(DA)(DA)(DG)(DT)
(DT)(DT)(DA)(DC)(DC)(DA)(DG)(DA)(DA)(DT)(DG)(DA)(DA)(DA)(DT)(DT)(DT)(DT)(DA)(DC)
(DA)(DG)
;
A2
56 'polydeoxyribonucleotide'
;(DT)(DT)(DT)(DT)(DT)(DT)(DT)(DT)(DT)(DT)(DT)(DG)(DG)(DT)(DT)(DT)(DA)(DC)(DC)(DA)
(DG)(DC)(DG)(DC)(DC)(DA)(DC)(DA)(DA)(DT)(DA)(DG)(DA)(DA)(DA)(DG)(DC)(DA)(DG)(DA)
;
A3
57 'polydeoxyribonucleotide'
;(DT)(DT)(DT)(DT)(DT)(DT)(DT)(DT)(DT)(DT)(DT)(DA)(DG)(DT)(DC)(DA)(DG)(DA)(DA)(DG)
(DC)(DA)(DA)(DC)(DT)(DC)(DC)(DA)(DA)(DC)(DA)(DG)(DG)(DT)(DT)(DT)(DT)(DT)(DT)(DT)
(DT)(DT)(DT)(DT)
;
A4
58 'polydeoxyribonucleotide'
;(DA)(DA)(DG)(DC)(DG)(DG)(DA)(DG)(DG)(DA)(DG)(DA)(DA)(DG)(DG)(DA)(DA)(DC)(DC)(DC)
(DT)(DA)(DA)(DA)(DT)(DC)(DA)(DC)(DC)(DA)(DT)(DC)(DA)(DA)(DT)(DA)(DT)(DG)(DA)(DT)
(DT)(DT)(DT)(DT)(DT)(DT)(DT)(DT)(DT)(DT)
;
A5
59 'polydeoxyribonucleotide'
;(DT)(DT)(DG)(DC)(DA)(DT)(DC)(DA)(DA)(DA)(DT)(DC)(DA)(DG)(DT)(DA)(DA)(DA)(DT)(DA)
(DT)(DT)(DC)(DA)(DT)(DT)(DG)(DA)(DC)(DC)(DA)(DG)(DA)(DG)(DG)(DG)(DG)(DG)(DT)(DA)
(DA)(DT)(DA)(DG)(DT)(DA)(DA)(DA)(DA)
;
A6
60 'polydeoxyribonucleotide'
;(DC)(DA)(DA)(DA)(DC)(DG)(DT)(DG)(DA)(DC)(DT)(DC)(DC)(DT)(DC)(DG)(DC)(DT)(DA)(DA)
(DT)(DT)(DG)(DA)(DA)(DC)(DA)(DA)(DA)(DG)(DT)(DC)(DA)(DG)(DA)(DC)(DT)(DC)(DC)(DT)
(DC)(DA)
;
A7
61 'polydeoxyribonucleotide'
;(DT)(DA)(DT)(DT)(DT)(DT)(DG)(DT)(DC)(DA)(DC)(DA)(DA)(DT)(DA)(DA)(DG)(DA)(DC)(DA)
(DA)(DG)(DG)(DA)(DA)(DC)(DC)(DA)(DG)(DA)(DG)(DC)(DC)(DA)(DC)(DC)(DA)(DC)(DC)(DG)
(DT)(DT)(DT)(DT)(DT)(DT)(DT)(DT)(DT)(DT)
;
A8
62 'polydeoxyribonucleotide'
;(DA)(DA)(DT)(DT)(DC)(DG)(DA)(DG)(DC)(DT)(DT)(DC)(DA)(DA)(DA)(DG)(DC)(DG)(DA)(DA)
(DC)(DT)(DC)(DC)(DT)(DT)(DT)(DT)(DC)(DT)(DG)(DT)(DA)(DG)(DC)(DT)(DC)(DA)(DA)(DC)
(DA)(DT)(DG)(DT)(DT)(DT)(DT)(DA)(DA)
;
A9
63 'polydeoxyribonucleotide'
;(DA)(DC)(DT)(DG)(DG)(DC)(DA)(DC)(DA)(DC)(DA)(DA)(DA)(DC)(DC)(DC)(DA)(DC)(DC)(DA)
(DC)(DT)(DA)(DA)(DA)(DG)(DG)(DC)(DG)(DA)(DA)(DA)(DG)(DA)(DG)(DG)(DC)(DA)(DA)(DA)
(DA)(DG)(DA)(DA)(DT)(DA)(DC)(DA)(DC)
;
BA
64 'polydeoxyribonucleotide'
;(DC)(DA)(DA)(DA)(DA)(DG)(DA)(DC)(DC)(DA)(DC)(DA)(DA)(DG)(DG)(DG)(DG)(DA)(DG)(DA)
(DA)(DT)(DT)(DA)(DA)(DC)(DT)(DG)(DA)(DT)(DT)(DA)(DG)(DC)(DG)(DA)(DG)(DT)(DT)(DA)
(DA)(DT)(DC)(DA)(DG)(DT)(DT)(DT)(DC)
;
BB
65 'polydeoxyribonucleotide'
;(DA)(DG)(DG)(DA)(DA)(DA)(DC)(DA)(DG)(DT)(DC)(DT)(DC)(DT)(DC)(DC)(DG)(DC)(DC)(DA)
(DC)(DA)(DC)(DA)(DG)(DC)(DA)(DT)(DG)(DG)(DT)(DA)(DA)(DA)(DA)(DT)(DA)(DC)(DG)(DT)
(DA)(DA)(DT)(DG)(DC)(DC)(DA)(DC)(DT)
;
BC
66 'polydeoxyribonucleotide'
;(DT)(DT)(DT)(DT)(DT)(DT)(DT)(DT)(DT)(DT)(DA)(DA)(DG)(DA)(DA)(DA)(DA)(DG)(DT)(DA)
(DA)(DA)(DT)(DT)(DC)(DA)(DT)(DA)(DT)(DT)(DT)(DT)(DT)(DT)(DT)(DT)(DT)(DT)
;
BD
67 'polydeoxyribonucleotide'
;(DT)(DT)(DT)(DT)(DT)(DT)(DT)(DT)(DT)(DT)(DC)(DA)(DG)(DG)(DA)(DT)(DT)(DA)(DG)(DA)
(DG)(DA)(DA)(DT)(DA)(DT)(DG)(DC)(DA)(DA)(DC)(DT)(DA)(DA)(DT)(DT)(DT)(DT)(DT)(DT)
(DT)(DT)(DT)(DT)
;
BE
68 'polydeoxyribonucleotide'
;(DG)(DT)(DA)(DC)(DC)(DT)(DT)(DC)(DA)(DA)(DT)(DA)(DA)(DA)(DA)(DA)(DG)(DC)(DA)(DA)
(DT)(DC)(DA)(DA)(DG)(DA)(DG)(DA)(DT)(DA)(DG)(DC)(DT)(DG)(DA)(DT)(DA)(DA)(DA)(DT)
(DT)(DA)
;
BF
69 'polydeoxyribonucleotide'
;(DC)(DA)(DA)(DT)(DA)(DA)(DT)(DA)(DA)(DA)(DC)(DA)(DG)(DG)(DG)(DA)(DA)(DG)(DC)(DG)
(DC)(DA)(DC)(DC)(DA)(DG)(DG)(DC)(DA)(DG)(DT)(DA)(DA)(DC)(DA)(DA)(DG)(DA)(DA)(DA)
(DG)(DG)
;
BG
70 'polydeoxyribonucleotide'
;(DT)(DA)(DC)(DC)(DG)(DA)(DA)(DT)(DC)(DA)(DA)(DA)(DA)(DA)(DA)(DT)(DA)(DA)(DG)(DA)
(DA)(DA)(DC)(DG)(DA)(DT)(DT)(DT)(DT)(DT)(DT)(DT)(DT)(DT)(DT)(DT)(DT)(DT)(DT)(DT)
;
BH
71 'polydeoxyribonucleotide'
;(DG)(DG)(DT)(DT)(DA)(DG)(DA)(DG)(DC)(DT)(DT)(DA)(DA)(DT)(DT)(DG)(DC)(DT)(DG)(DA)
(DA)(DA)(DA)(DA)(DA)(DG)(DT)(DA)(DT)(DT)(DA)(DA)(DG)(DA)(DG)(DG)(DC)(DT)(DG)(DA)
(DG)(DA)
;
BI
72 'polydeoxyribonucleotide'
;(DT)(DT)(DT)(DT)(DT)(DT)(DT)(DT)(DT)(DT)(DT)(DG)(DT)(DT)(DT)(DA)(DA)(DC)(DG)(DG)
(DC)(DC)(DC)(DT)(DT)(DT)(DT)(DT)(DT)(DT)(DT)(DT)(DT)(DT)(DT)(DT)(DT)(DT)
;
BJ
73 'polydeoxyribonucleotide'
;(DA)(DT)(DT)(DC)(DT)(DG)(DC)(DG)(DA)(DA)(DC)(DG)(DC)(DG)(DC)(DG)(DA)(DG)(DC)(DA)
(DG)(DC)(DA)(DA)(DA)(DT)(DC)(DC)(DC)(DG)(DG)(DT)(DT)
;
BK
74 'polydeoxyribonucleotide'
;(DT)(DT)(DT)(DT)(DT)(DT)(DT)(DT)(DT)(DT)(DT)(DA)(DC)(DA)(DA)(DT)(DT)(DT)(DT)(DA)
(DT)(DC)(DC)(DT)(DG)(DA)(DA)(DT)(DC)(DA)(DA)(DT)(DC)(DC)(DA)(DA)(DT)(DG)(DA)(DA)
(DA)(DA)(DT)
;
BL
75 'polydeoxyribonucleotide'
;(DT)(DT)(DT)(DT)(DT)(DT)(DT)(DT)(DT)(DT)(DA)(DG)(DT)(DA)(DC)(DG)(DG)(DT)(DG)(DT)
(DC)(DT)(DG)(DG)(DA)(DA)(DG)(DT)(DT)(DG)(DA)(DC)(DC)(DA)(DT)(DT)(DT)(DA)(DG)(DC)
(DT)(DA)(DT)
;
BM
76 'polydeoxyribonucleotide'
;(DT)(DG)(DC)(DC)(DA)(DG)(DT)(DT)(DA)(DC)(DA)(DA)(DA)(DA)(DT)(DA)(DT)(DT)(DT)(DC)
(DC)(DA)(DG)(DA)(DG)(DG)(DT)(DT)(DT)(DT)(DA)(DA)(DA)(DA)(DT)(DT)(DA)(DC)(DT)(DT)
(DT)(DG)(DA)(DA)(DA)(DA)(DA)(DG)(DG)(DA)(DA)
;
BN
77 'polydeoxyribonucleotide'
;(DA)(DT)(DA)(DT)(DT)(DA)(DT)(DT)(DT)(DA)(DT)(DC)(DC)(DC)(DT)(DT)(DA)(DC)(DC)(DA)
(DA)(DA)(DG)(DA)(DT)(DT)(DA)(DG)(DA)(DG)(DG)(DG)(DT)(DT)(DA)
;
BO
78 'polydeoxyribonucleotide'
;(DA)(DA)(DA)(DT)(DC)(DA)(DC)(DC)(DA)(DG)(DT)(DA)(DG)(DC)(DA)(DC)(DC)(DA)(DT)(DT)
(DA)(DT)(DA)(DC)(DA)(DA)(DA)(DA)(DA)(DG)(DT)(DA)(DA)(DT)(DC)(DC)(DT)(DG)(DA)(DA)
;
BP
79 'polydeoxyribonucleotide'
;(DG)(DC)(DA)(DG)(DC)(DA)(DC)(DC)(DG)(DT)(DC)(DA)(DG)(DA)(DA)(DA)(DG)(DA)(DA)(DA)
(DG)(DA)(DC)(DT)(DT)(DC)(DA)(DA)(DG)(DT)(DA)(DT)(DG)(DT)(DT)(DC)(DA)
;
BQ
80 'polydeoxyribonucleotide'
;(DT)(DT)(DT)(DT)(DT)(DT)(DT)(DT)(DT)(DT)(DT)(DG)(DG)(DT)(DC)(DA)(DA)(DT)(DA)(DG)
(DG)(DC)(DA)(DA)(DG)(DG)(DC)(DA)(DT)(DT)(DT)(DT)(DT)(DT)(DT)(DT)(DT)(DT)
;
BR
81 'polydeoxyribonucleotide'
;(DT)(DT)(DT)(DG)(DG)(DG)(DG)(DA)(DG)(DT)(DA)(DG)(DA)(DT)(DT)(DT)(DA)(DG)(DT)(DT)
(DT)(DT)(DC)(DA)(DT)(DT)(DC)(DC)(DA)(DT)(DA)(DT)(DA)(DA)(DC)(DA)(DG)(DT)(DT)(DG)
(DA)(DT)(DT)(DC)(DC)(DC)(DA)
;
BS
82 'polydeoxyribonucleotide'
;(DG)(DT)(DG)(DG)(DC)(DA)(DT)(DA)(DT)(DA)(DG)(DA)(DA)(DG)(DT)(DG)(DA)(DA)(DA)(DA)
(DC)(DA)(DG)(DG)(DA)(DA)(DG)(DA)(DA)(DC)(DG)(DC)(DC)(DA)(DT)(DC)(DA)
;
BT
83 'polydeoxyribonucleotide'
;(DT)(DC)(DA)(DT)(DA)(DC)(DA)(DA)(DC)(DC)(DT)(DG)(DT)(DT)(DA)(DG)(DA)(DT)(DA)(DC)
(DA)(DT)(DT)(DT)(DC)(DG)(DC)(DA)(DA)(DA)(DT)(DT)(DT)(DT)(DT)(DT)(DT)(DT)(DT)(DT)
;
BU
84 'polydeoxyribonucleotide'
;(DG)(DC)(DA)(DA)(DA)(DT)(DC)(DA)(DT)(DG)(DC)(DA)(DG)(DA)(DA)(DT)(DA)(DC)(DA)(DA)
(DA)(DG)(DG)(DC)(DT)(DA)(DT)(DC)(DA)(DG)(DA)(DA)(DA)(DA)(DG)(DC)(DC)(DC)(DC)(DA)
(DA)(DA)
;
BV
85 'polydeoxyribonucleotide'
;(DC)(DA)(DT)(DT)(DA)(DC)(DC)(DC)(DA)(DA)(DC)(DA)(DA)(DT)(DA)(DT)(DG)(DG)(DA)(DA)
(DA)(DC)(DC)(DT)(DT)(DG)(DC)(DT)(DA)(DA)(DA)(DA)(DA)(DT)(DA)
;
BW
86 'polydeoxyribonucleotide'
;(DT)(DT)(DC)(DA)(DT)(DC)(DG)(DC)(DG)(DT)(DT)(DT)(DT)(DA)(DG)(DC)(DG)(DA)(DA)(DC)
(DC)(DA)(DG)(DA)(DA)(DA)(DT)(DA)(DA)(DA)(DT)(DA)(DA)(DC)(DG)(DC)(DT)(DA)(DA)(DA)
(DA)(DT)
;
BX
87 'polydeoxyribonucleotide'
;(DC)(DA)(DT)(DC)(DG)(DA)(DG)(DC)(DT)(DA)(DA)(DT)(DT)(DT)(DA)(DA)(DT)(DT)(DA)(DA)
(DT)(DG)(DA)(DA)(DT)(DC)(DC)(DT)(DT)(DG)(DA)(DA)(DA)(DA)(DC)
;
BY
88 'polydeoxyribonucleotide'
;(DC)(DC)(DA)(DA)(DG)(DT)(DA)(DT)(DA)(DA)(DA)(DT)(DC)(DA)(DC)(DG)(DC)(DT)(DA)(DA)
(DC)(DG)(DA)(DG)(DC)(DG)(DT)(DC)(DA)(DA)(DC)(DA)(DG)(DC)(DC)(DA)(DG)(DA)(DG)(DA)
(DA)(DT)
;
BZ
89 'polydeoxyribonucleotide'
;(DG)(DA)(DA)(DC)(DG)(DG)(DG)(DG)(DC)(DT)(DA)(DT)(DC)(DT)(DT)(DA)(DG)(DC)(DC)(DG)
(DA)(DA)(DG)(DT)(DA)(DA)(DG)(DC)(DT)(DC)(DA)(DG)(DA)(DG)(DC)(DC)(DG)(DC)(DC)(DA)
(DC)(DC)(DC)(DT)(DC)(DA)(DG)(DA)(DA)
;
Ba
90 'polydeoxyribonucleotide'
;(DT)(DT)(DT)(DT)(DT)(DT)(DT)(DT)(DT)(DT)(DT)(DT)(DA)(DT)(DC)(DA)(DT)(DT)(DC)(DC)
(DA)(DA)(DT)(DT)(DT)(DG)(DC)(DA)(DC)(DC)(DC)(DA)(DG)(DC)(DT)(DT)(DT)(DT)(DT)(DT)
(DT)(DT)(DT)(DT)
;
Bb
91 'polydeoxyribonucleotide'
;(DT)(DT)(DT)(DT)(DT)(DT)(DT)(DT)(DT)(DT)(DA)(DA)(DG)(DA)(DA)(DT)(DT)(DA)(DG)(DT)
(DT)(DC)(DA)(DA)(DC)(DG)(DC)(DA)(DT)(DT)(DT)(DT)(DT)(DT)(DT)(DT)(DT)(DT)
;
Bc
92 'polydeoxyribonucleotide'
;(DA)(DA)(DT)(DA)(DA)(DT)(DA)(DT)(DA)(DC)(DC)(DG)(DA)(DC)(DT)(DA)(DT)(DA)(DA)(DA)
(DA)(DA)(DA)(DA)(DT)(DA)(DT)(DT)(DC)(DC)(DC)(DC)(DT)(DT)(DA)(DT)(DT)(DA)(DG)(DC)
(DG)(DT)
;
Bd
93 'polydeoxyribonucleotide'
;(DA)(DC)(DG)(DA)(DG)(DC)(DA)(DC)(DA)(DG)(DT)(DA)(DA)(DT)(DC)(DC)(DA)(DC)(DG)(DG)
(DA)(DA)(DC)(DC)(DG)(DA)(DT)(DT)(DC)(DT)(DT)(DT)(DT)(DC)(DA)(DT)(DA)(DA)(DT)(DC)
(DA)(DA)(DA)(DA)(DT)(DC)(DA)(DC)(DC)
;
Be
94 'polydeoxyribonucleotide'
;(DT)(DG)(DA)(DC)(DC)(DC)(DT)(DG)(DC)(DA)(DA)(DT)(DG)(DC)(DT)(DG)(DA)(DG)(DA)(DA)
(DA)(DG)(DG)(DC)(DC)(DG)(DG)(DA)(DA)(DT)(DG)(DC)(DC)(DG)(DG)(DG)(DA)(DG)(DT)(DC)
(DT)(DG)
;
Bf
95 'polydeoxyribonucleotide'
;(DA)(DA)(DC)(DA)(DT)(DT)(DA)(DG)(DA)(DA)(DG)(DC)(DC)(DC)(DA)(DC)(DG)(DA)(DG)(DA)
(DA)(DT)(DC)(DA)(DA)(DA)(DT)(DG)(DC)(DT)(DT)(DT)(DA)(DA)(DA)(DT)(DT)(DT)(DT)(DT)
(DT)(DG)(DG)(DA)(DG)(DG)(DC)(DG)(DA)
;
Bg
96 'polydeoxyribonucleotide'
;(DA)(DA)(DA)(DC)(DA)(DA)(DC)(DA)(DT)(DG)(DT)(DT)(DA)(DG)(DT)(DC)(DA)(DA)(DG)(DT)
(DT)(DT)(DG)(DC)(DC)(DT)(DG)(DT)(DT)(DA)(DA)(DT)(DC)(DA)(DG)(DA)(DA)(DT)(DG)(DA)
(DA)(DA)(DC)(DC)(DA)(DT)(DC)(DG)(DA)(DT)(DA)
;
Bh
97 'polydeoxyribonucleotide'
;(DC)(DG)(DA)(DC)(DA)(DA)(DT)(DT)(DG)(DT)(DT)(DT)(DA)(DT)(DG)(DC)(DG)(DC)(DC)(DC)
(DA)(DC)(DG)(DG)(DT)(DA)(DT)(DT)(DC)(DT)(DA)(DA)(DG)(DA)(DA)
;
Bi
98 'polydeoxyribonucleotide'
;(DT)(DA)(DT)(DA)(DA)(DA)(DG)(DT)(DC)(DC)(DC)(DA)(DT)(DC)(DA)(DA)(DC)(DA)(DA)(DG)
(DC)(DT)(DT)(DG)(DC)(DG)(DG)(DG)(DA)(DG)(DC)(DC)(DT)(DA)(DA)(DT)(DT)
;
Bj
99 'polydeoxyribonucleotide'
;(DA)(DA)(DG)(DA)(DG)(DA)(DA)(DA)(DC)(DG)(DC)(DT)(DC)(DA)(DA)(DA)(DC)(DC)(DT)(DC)
(DC)(DG)(DG)(DC)(DT)(DT)(DA)(DG)(DT)(DC)(DC)(DC)(DT)(DT)(DA)(DT)(DA)(DC)(DA)(DT)
(DT)(DT)
;
Bk
100 'polydeoxyribonucleotide'
;(DT)(DT)(DT)(DT)(DT)(DT)(DT)(DT)(DT)(DT)(DC)(DA)(DA)(DC)(DA)(DT)(DG)(DT)(DA)(DA)
(DT)(DT)(DG)(DG)(DC)(DT)(DG)(DT)(DC)(DT)(DT)(DT)(DC)(DC)(DT)(DT)(DT)(DT)(DT)(DT)
(DT)(DT)(DT)(DT)
;
Bl
101 'polydeoxyribonucleotide'
;(DT)(DT)(DT)(DT)(DT)(DT)(DT)(DT)(DT)(DT)(DA)(DG)(DG)(DA)(DT)(DA)(DA)(DA)(DA)(DA)
(DT)(DT)(DT)(DT)(DT)(DA)(DC)(DC)(DT)(DT)(DT)(DA)(DT)(DC)(DA)(DA)(DA)(DA)(DT)(DT)
;
Bm
102 'polydeoxyribonucleotide'
;(DG)(DG)(DT)(DA)(DC)(DT)(DA)(DG)(DA)(DA)(DA)(DA)(DA)(DG)(DC)(DG)(DT)(DC)(DA)(DC)
(DC)(DT)(DA)(DG)(DC)(DG)(DA)(DC)(DA)(DG)(DC)(DG)(DT)(DC)(DA)(DC)(DC)(DG)(DA)(DC)
(DT)(DT)(DA)(DG)(DC)(DA)(DA)(DG)(DG)(DC)(DC)(DG)(DG)(DA)(DA)(DA)(DC)(DC)(DT)(DG)
(DT)(DT)(DT)
;
Bn
103 'polydeoxyribonucleotide'
;(DT)(DT)(DG)(DA)(DG)(DA)(DA)(DG)(DG)(DT)(DC)(DT)(DG)(DA)(DG)(DA)(DG)(DA)(DC)(DT)
(DA)(DA)(DT)(DA)(DG)(DC)(DG)(DA)(DC)(DA)(DT)(DC)(DA)(DA)(DG)
;
Bo
104 'polydeoxyribonucleotide'
;(DG)(DA)(DC)(DA)(DG)(DT)(DC)(DC)(DA)(DT)(DA)(DT)(DA)(DT)(DT)(DT)(DT)(DA)(DA)(DA)
(DT)(DG)(DT)(DA)(DA)(DT)(DA)(DC)(DC)(DA)(DG)(DA)(DG)(DC)(DA)(DG)(DT)(DA)(DG)(DC)
(DA)(DT)
;
Bp
105 'polydeoxyribonucleotide'
;(DA)(DT)(DA)(DA)(DG)(DA)(DA)(DG)(DA)(DC)(DC)(DG)(DT)(DG)(DT)(DA)(DG)(DT)(DT)(DA)
(DA)(DT)(DT)(DT)(DC)(DA)(DT)(DC)(DA)(DT)(DG)(DG)(DA)(DT)(DT)(DC)(DC)(DG)(DA)(DA)
(DC)(DG)
;
Bq
106 'polydeoxyribonucleotide'
;(DG)(DC)(DG)(DT)(DT)(DA)(DA)(DT)(DA)(DT)(DG)(DC)(DG)(DT)(DT)(DA)(DC)(DC)(DA)(DT)
(DT)(DG)(DA)(DG)(DC)(DC)(DA)(DT)(DT)(DT)(DG)(DG)(DG)(DA)(DA)(DA)(DT)(DT)(DA)(DT)
(DT)(DC)(DT)(DA)(DA)(DA)(DG)(DG)(DT)
;
Br
107 'polydeoxyribonucleotide'
;(DT)(DA)(DT)(DA)(DT)(DA)(DA)(DC)(DT)(DA)(DT)(DA)(DA)(DG)(DA)(DT)(DC)(DG)(DT)(DC)
(DG)(DA)(DA)(DT)(DT)(DA)(DC)(DC)(DG)(DA)(DG)(DA)(DA)(DA)(DC)
;
Bs
108 'polydeoxyribonucleotide'
;(DC)(DC)(DT)(DT)(DT)(DT)(DT)(DA)(DC)(DA)(DG)(DT)(DA)(DG)(DG)(DG)(DC)(DT)(DT)(DA)
(DA)(DT)(DT)(DC)(DG)(DA)(DG)(DC)(DT)(DG)(DT)(DA)(DG)(DA)(DA)
;
Bt
109 'polydeoxyribonucleotide'
;(DT)(DT)(DT)(DT)(DT)(DT)(DT)(DT)(DT)(DT)(DA)(DT)(DA)(DG)(DT)(DG)(DA)(DA)(DT)(DT)
(DT)(DA)(DT)(DC)(DA)(DA)(DA)(DC)(DG)(DC)(DT)(DG)(DA)(DA)(DA)(DA)(DA)(DG)(DA)(DA)
;
Bu
110 'polydeoxyribonucleotide'
;(DT)(DT)(DT)(DT)(DT)(DT)(DT)(DT)(DT)(DT)(DA)(DT)(DT)(DC)(DA)(DA)(DC)(DC)(DG)(DT)
(DT)(DC)(DA)(DT)(DC)(DG)(DA)(DT)(DG)(DA)(DA)(DC)(DG)(DG)(DT)(DT)(DT)(DT)(DT)(DT)
(DT)(DT)(DT)(DT)
;
Bv
111 'polydeoxyribonucleotide'
;(DA)(DG)(DC)(DT)(DA)(DT)(DT)(DA)(DA)(DA)(DA)(DG)(DG)(DG)(DC)(DT)(DG)(DA)(DG)(DT)
(DA)(DA)(DT)(DG)(DT)(DG)(DT)(DA)(DG)(DC)(DC)(DC)(DA)(DA)(DA)(DT)(DT)(DG)(DT)(DA)
(DT)(DA)(DA)(DG)(DA)(DT)(DC)(DA)(DA)
;
Bw
112 'polydeoxyribonucleotide'
;(DT)(DT)(DT)(DG)(DA)(DG)(DA)(DG)(DA)(DT)(DC)(DT)(DA)(DT)(DA)(DG)(DC)(DA)(DG)(DA)
(DA)(DG)(DC)(DC)(DA)(DA)(DT)(DC)(DG)(DT)(DC)(DT)(DG)(DA)(DA)(DT)(DT)(DC)(DT)(DG)
(DA)(DC)(DC)(DT)(DA)(DA)(DA)
;
Bx
113 'polydeoxyribonucleotide'
;(DC)(DT)(DA)(DT)(DT)(DA)(DA)(DT)(DA)(DG)(DC)(DC)(DC)(DT)(DA)(DG)(DT)(DC)(DA)(DC)
(DA)(DC)(DT)(DG)(DT)(DC)(DC)(DA)(DT)(DT)(DG)(DC)(DC)(DT)(DG)(DA)(DG)(DT)(DA)(DG)
;
By
114 'polydeoxyribonucleotide'
;(DT)(DA)(DG)(DC)(DT)(DT)(DA)(DC)(DA)(DA)(DT)(DA)(DT)(DT)(DG)(DA)(DT)(DA)(DG)(DA)
(DA)(DA)(DG)(DA)(DA)(DG)(DT)(DG)(DT)(DT)(DT)(DT)(DT)(DA)(DT)(DG)(DG)(DA)(DG)(DC)
(DT)(DA)(DG)(DA)(DA)(DA)(DG)(DG)(DA)
;
Bz
115 'polydeoxyribonucleotide'
;(DG)(DA)(DT)(DT)(DA)(DA)(DG)(DA)(DA)(DT)(DC)(DA)(DT)(DA)(DT)(DC)(DG)(DC)(DC)(DA)
(DT)(DA)(DT)(DT)(DT)(DA)(DA)(DC)(DA)(DA)(DC)(DG)(DC)(DT)(DT)(DT)(DT)(DT)(DT)(DT)
(DT)(DT)(DT)
;
B0
116 'polydeoxyribonucleotide'
;(DA)(DG)(DG)(DT)(DC)(DA)(DT)(DT)(DG)(DC)(DC)(DT)(DG)(DA)(DA)(DG)(DA)(DG)(DG)(DG)
(DT)(DA)(DA)(DC)(DC)(DA)(DG)(DG)(DC)(DA)(DG)(DC)(DT)(DG)(DG)(DT)(DG)(DG)(DG)(DT)
(DA)(DA)(DC)(DG)(DC)(DC)(DA)(DG)(DG)
;
B1
117 'polydeoxyribonucleotide'
;(DT)(DT)(DT)(DT)(DT)(DT)(DT)(DT)(DT)(DT)(DT)(DA)(DC)(DC)(DT)(DG)(DA)(DG)(DC)(DG)
(DA)(DA)(DG)(DA)(DG)(DT)(DC)(DA)(DT)(DT)(DT)(DT)(DT)(DT)(DT)(DT)(DT)(DT)
;
B2
118 'polydeoxyribonucleotide'
;(DT)(DT)(DT)(DT)(DT)(DT)(DT)(DT)(DT)(DT)(DT)(DA)(DA)(DT)(DC)(DG)(DT)(DA)(DA)(DA)
(DA)(DC)(DA)(DT)(DT)(DT)(DT)(DG)(DT)(DT)(DA)(DA)(DA)(DA)(DT)(DT)(DT)(DT)(DT)(DT)
(DT)(DT)(DT)(DT)
;
B3
119 'polydeoxyribonucleotide'
;(DT)(DA)(DT)(DG)(DT)(DA)(DC)(DA)(DT)(DT)(DT)(DA)(DA)(DA)(DC)(DT)(DC)(DA)(DT)(DT)
(DT)(DT)(DT)(DT)(DA)(DA)(DC)(DC)(DG)(DG)(DC)(DC)(DT)(DT)(DC)
;
B4
120 'polydeoxyribonucleotide'
;(DA)(DC)(DA)(DT)(DC)(DG)(DG)(DT)(DT)(DT)(DT)(DT)(DT)(DA)(DA)(DG)(DA)(DT)(DA)(DA)
(DG)(DT)(DT)(DC)(DT)(DG)(DT)(DC)(DA)(DC)(DA)(DT)(DA)(DC)(DA)
;
B5
121 'polydeoxyribonucleotide'
;(DC)(DT)(DG)(DA)(DT)(DT)(DG)(DT)(DT)(DT)(DG)(DC)(DA)(DC)(DG)(DT)(DA)(DA)(DA)(DA)
(DC)(DT)(DC)(DC)(DC)(DG)(DA)(DC)(DA)(DA)(DG)(DC)(DC)(DG)(DT)(DT)(DT)(DA)(DA)(DG)
(DC)(DC)(DA)(DA)(DT)(DA)(DA)(DC)(DG)
;
B6
122 'polydeoxyribonucleotide'
;(DT)(DT)(DA)(DC)(DA)(DA)(DA)(DG)(DA)(DA)(DC)(DC)(DT)(DA)(DA)(DG)(DA)(DT)(DG)(DA)
(DT)(DG)(DG)(DC)(DA)(DA)(DT)(DT)(DC)(DC)(DA)(DG)(DA)(DA)(DG)(DT)(DT)(DA)(DA)(DA)
(DA)(DG)(DT)(DT)(DT)(DG)(DA)(DG)(DT)
;
B7
123 'polydeoxyribonucleotide'
;(DA)(DT)(DC)(DG)(DC)(DG)(DC)(DC)(DA)(DG)(DT)(DT)(DG)(DG)(DC)(DA)(DC)(DC)(DT)(DT)
(DG)(DA)(DG)(DA)(DA)(DA)(DG)(DC)(DA)(DA)(DC)(DA)(DG)(DG)(DA)(DG)(DG)(DC)(DC)(DG)
(DA)(DT)
;
B8
124 'polydeoxyribonucleotide'
;(DA)(DA)(DT)(DT)(DA)(DT)(DT)(DT)(DT)(DC)(DT)(DG)(DA)(DA)(DA)(DT)(DA)(DA)(DT)(DC)
(DC)(DT)(DG)(DA)(DT)(DT)(DG)(DT)(DT)(DT)(DT)(DT)(DT)(DT)(DT)(DT)
;
B9
125 'polydeoxyribonucleotide'
;(DC)(DG)(DT)(DT)(DA)(DA)(DT)(DT)(DA)(DG)(DC)(DA)(DT)(DG)(DG)(DT)(DG)(DC)(DA)(DT)
(DC)(DC)(DT)(DC)(DA)(DG)(DG)(DA)(DC)(DC)(DG)(DG)(DA)(DA)(DT)
;
CA
126 'polydeoxyribonucleotide'
;(DT)(DT)(DG)(DT)(DA)(DA)(DA)(DA)(DT)(DT)(DT)(DT)(DC)(DA)(DT)(DA)(DA)(DC)(DA)(DT)
(DC)(DT)(DA)(DA)(DT)(DT)(DG)(DC)(DC)(DA)(DG)(DA)(DC)(DC)(DG)
;
CB
127 'polydeoxyribonucleotide'
;(DG)(DG)(DT)(DT)(DT)(DA)(DA)(DC)(DG)(DT)(DC)(DA)(DG)(DA)(DG)(DC)(DT)(DT)(DA)(DT)
(DC)(DA)(DT)(DA)(DG)(DC)(DA)(DA)(DA)(DA)(DT)(DT)(DG)(DA)(DG)(DT)(DA)(DT)(DT)(DA)
(DC)(DG)(DC)(DA)(DG)(DA)(DC)(DG)(DA)
;
CC
128 'polydeoxyribonucleotide'
;(DA)(DT)(DT)(DT)(DT)(DC)(DA)(DA)(DC)(DC)(DT)(DT)(DT)(DT)(DT)(DA)(DA)(DC)(DA)(DA)
(DC)(DT)(DA)(DT)(DT)(DA)(DA)(DC)(DC)(DC)(DA)(DC)(DA)(DC)(DC)(DA)(DC)(DT)(DA)(DT)
(DG)(DG)
;
CD
129 'polydeoxyribonucleotide'
;(DA)(DA)(DG)(DA)(DA)(DA)(DT)(DT)(DG)(DC)(DG)(DT)(DA)(DG)(DC)(DG)(DC)(DG)(DA)(DG)
(DG)(DT)(DA)(DG)(DG)(DA)(DA)(DT)(DA)(DG)(DA)(DT)(DA)(DA)(DC)
;
CE
130 'polydeoxyribonucleotide'
;(DT)(DT)(DT)(DT)(DT)(DT)(DT)(DT)(DT)(DT)(DG)(DG)(DA)(DT)(DT)(DA)(DT)(DA)(DC)(DC)
(DA)(DT)(DT)(DT)(DC)(DA)(DA)(DT)(DT)(DT)(DT)(DT)(DT)(DT)(DT)(DT)(DT)(DT)
;
CF
131 'polydeoxyribonucleotide'
;(DA)(DA)(DA)(DA)(DT)(DA)(DA)(DT)(DT)(DC)(DG)(DC)(DG)(DT)(DC)(DT)(DA)(DA)(DT)(DA)
(DG)(DG)(DA)(DT)(DT)(DG)(DT)(DA)(DT)(DA)(DT)(DG)(DA)(DA)(DA)(DA)(DG)(DT)(DT)(DC)
(DT)(DA)(DC)(DT)(DG)(DG)(DT)(DC)(DA)(DT)(DT)
;
CG
132 'polydeoxyribonucleotide'
;(DT)(DT)(DT)(DT)(DT)(DT)(DT)(DT)(DT)(DT)(DT)(DT)(DG)(DC)(DG)(DG)(DA)(DA)(DC)(DA)
(DA)(DA)(DG)(DA)(DA)(DA)(DC)(DC)(DA)(DC)(DA)(DT)(DC)(DA)(DA)(DT)(DT)(DA)(DA)(DT)
(DG)(DG)(DA)(DT)(DT)(DG)(DC)(DT)(DA)(DT)
;
CH
133 'polydeoxyribonucleotide'
;(DT)(DT)(DT)(DT)(DT)(DT)(DT)(DT)(DT)(DT)(DT)(DT)(DC)(DG)(DC)(DA)(DT)(DT)(DA)(DA)
(DA)(DT)(DT)(DT)(DT)(DT)(DG)(DT)(DT)(DC)(DA)(DT)(DC)(DA)(DA)(DC)(DT)(DC)(DT)(DC)
(DC)(DG)(DT)
;
CI
134 'polydeoxyribonucleotide'
;(DT)(DT)(DC)(DC)(DT)(DG)(DA)(DT)(DT)(DA)(DT)(DC)(DC)(DC)(DA)(DT)(DA)(DT)(DC)(DG)
(DA)(DA)(DG)(DC)(DC)(DT)(DC)(DC)(DG)(DC)(DA)(DC)(DT)(DA)(DG)(DA)(DA)(DA)(DC)(DA)
;
CJ
135 'polydeoxyribonucleotide'
;(DA)(DG)(DA)(DC)(DA)(DA)(DA)(DG)(DA)(DT)(DA)(DA)(DT)(DA)(DA)(DA)(DA)(DA)(DT)(DG)
(DC)(DG)(DC)(DC)(DC)(DA)(DG)(DC)(DA)(DG)(DT)(DT)(DG)(DA)(DG)(DG)(DA)
;
CK
136 'polydeoxyribonucleotide'
;(DT)(DT)(DT)(DA)(DA)(DT)(DG)(DG)(DT)(DT)(DT)(DG)(DA)(DA)(DA)(DT)(DA)(DC)(DC)(DT)
(DA)(DA)(DA)(DC)(DA)(DC)(DT)(DG)(DA)(DA)(DT)(DA)(DA)(DC)(DA)(DG)(DT)(DA)(DC)(DA)
(DT)(DA)(DA)(DC)(DA)(DG)(DT)
;
CL
137 'polydeoxyribonucleotide'
;(DT)(DT)(DT)(DT)(DT)(DT)(DT)(DT)(DT)(DT)(DT)(DA)(DA)(DC)(DA)(DA)(DC)(DC)(DC)(DT)
(DT)(DG)(DA)(DG)(DG)(DG)(DG)(DA)(DT)(DT)(DT)(DT)(DT)(DT)(DT)(DT)(DT)(DT)
;
CM
138 'polydeoxyribonucleotide'
;(DG)(DA)(DT)(DT)(DG)(DA)(DC)(DC)(DG)(DA)(DG)(DA)(DG)(DA)(DC)(DG)(DC)(DA)(DG)(DA)
(DA)(DT)(DG)(DT)(DG)(DT)(DA)(DC)(DA)(DT)(DC)(DG)(DA)(DC)(DA)(DT)(DA)(DA)(DA)(DA)
;
CN
139 'polydeoxyribonucleotide'
;(DC)(DG)(DT)(DA)(DA)(DT)(DG)(DG)(DG)(DA)(DT)(DA)(DA)(DT)(DA)(DA)(DT)(DA)(DC)(DA)
(DT)(DC)(DA)(DA)(DC)(DG)(DT)(DC)(DC)(DC)(DC)(DA)(DC)(DT)(DA)(DG)(DG)(DC)(DC)(DA)
(DG)(DA)
;
CO
140 'polydeoxyribonucleotide'
;(DT)(DA)(DA)(DA)(DT)(DC)(DC)(DT)(DT)(DT)(DG)(DC)(DC)(DC)(DC)(DG)(DA)(DG)(DA)(DT)
(DA)(DT)(DC)(DG)(DG)(DA)(DA)(DC)(DA)(DG)(DT)(DG)(DT)(DA)(DA)
;
CP
141 'polydeoxyribonucleotide'
;(DT)(DG)(DC)(DC)(DA)(DG)(DT)(DG)(DT)(DC)(DG)(DG)(DA)(DT)(DA)(DT)(DT)(DA)(DA)(DA)
(DT)(DG)(DT)(DG)(DA)(DG)(DC)(DG)(DA)(DG)(DT)(DT)(DT)(DT)(DT)(DT)(DT)(DT)(DT)(DT)
;
CQ
142 'polydeoxyribonucleotide'
;(DG)(DT)(DA)(DG)(DA)(DT)(DG)(DC)(DC)(DA)(DG)(DC)(DT)(DT)(DA)(DC)(DA)(DG)(DC)(DG)
(DC)(DC)(DG)(DC)(DC)(DA)(DC)(DG)(DC)(DG)(DG)(DG)(DG)(DT)(DC)
;
CR
143 'polydeoxyribonucleotide'
;(DC)(DG)(DT)(DC)(DA)(DA)(DT)(DA)(DA)(DA)(DC)(DA)(DG)(DA)(DC)(DG)(DG)(DA)(DA)(DA)
(DC)(DA)(DA)(DT)(DC)(DG)(DG)(DC)(DG)(DC)(DG)(DA)(DT)(DG)(DG)(DA)(DA)(DA)(DG)(DG)
(DG)(DC)(DG)(DA)(DA)(DA)(DA)(DA)(DC)
;
CS
144 'polydeoxyribonucleotide'
;(DA)(DT)(DC)(DT)(DG)(DG)(DT)(DA)(DG)(DA)(DG)(DG)(DC)(DG)(DG)(DA)(DT)(DG)(DA)(DT)
(DG)(DA)(DA)(DT)(DA)(DA)(DT)(DC)(DT)(DA)(DG)(DG)(DC)(DA)(DG)(DA)(DG)(DG)(DC)(DA)
(DT)(DT)
;
CT
145 'polydeoxyribonucleotide'
;(DT)(DT)(DT)(DT)(DT)(DT)(DT)(DT)(DT)(DT)(DC)(DC)(DC)(DT)(DC)(DA)(DA)(DT)(DC)(DA)
(DA)(DT)(DA)(DA)(DC)(DA)(DT)(DT)(DA)(DT)(DC)(DA)(DT)(DT)(DT)(DT)(DT)(DT)(DT)(DT)
(DT)(DT)(DT)(DT)
;
CU
146 'polydeoxyribonucleotide'
;(DT)(DT)(DT)(DT)(DT)(DT)(DT)(DT)(DT)(DT)(DC)(DG)(DA)(DC)(DG)(DA)(DC)(DA)(DG)(DC)
(DA)(DA)(DC)(DT)(DG)(DT)(DT)(DG)(DT)(DT)(DT)(DT)(DT)(DT)(DT)(DT)(DT)(DT)
;
CV
147 'polydeoxyribonucleotide'
;(DA)(DC)(DT)(DC)(DC)(DA)(DG)(DG)(DG)(DC)(DG)(DC)(DA)(DT)(DA)(DA)(DC)(DG)(DG)(DC)
(DG)(DC)(DT)(DG)(DT)(DA)(DG)(DC)(DC)(DA)(DG)(DC)(DT)(DT)(DT)(DA)(DA)(DA)(DT)(DC)
(DA)(DG)
;
CW
148 'polydeoxyribonucleotide'
;(DG)(DG)(DT)(DG)(DA)(DG)(DG)(DA)(DA)(DC)(DC)(DA)(DC)(DC)(DA)(DT)(DG)(DT)(DG)(DA)
(DG)(DC)(DG)(DG)(DA)(DA)(DT)(DC)(DA)(DT)(DA)(DA)(DT)(DT)(DA)(DA)(DA)(DG)(DA)(DT)
(DT)(DC)
;
CX
149 'polydeoxyribonucleotide'
;(DC)(DG)(DG)(DT)(DC)(DA)(DG)(DT)(DA)(DA)(DT)(DA)(DG)(DA)(DT)(DT)(DT)(DA)(DG)(DA)
(DA)(DG)(DT)(DA)(DT)(DT)(DA)(DG)(DA)(DC)(DT)(DA)(DT)(DT)(DA)(DC)(DA)(DA)(DA)(DT)
(DC)(DA)(DT)(DA)(DA)(DT)(DT)(DG)(DC)
;
CY
150 'polydeoxyribonucleotide'
;(DT)(DG)(DC)(DC)(DA)(DC)(DG)(DC)(DG)(DG)(DT)(DC)(DA)(DC)(DA)(DC)(DG)(DT)(DA)(DT)
(DA)(DT)(DT)(DT)(DC)(DA)(DC)(DG)(DG)(DT)(DT)(DA)(DA)(DC)(DG)(DG)(DC)(DA)(DT)(DC)
(DA)(DG)(DA)(DT)(DG)(DC)(DC)(DG)(DG)
;
CZ
151 'polydeoxyribonucleotide'
;(DC)(DT)(DG)(DA)(DG)(DA)(DG)(DG)(DA)(DA)(DC)(DT)(DG)(DA)(DT)(DT)(DA)(DA)(DT)(DT)
(DT)(DG)(DT)(DT)(DG)(DG)(DG)(DT)(DC)(DC)(DA)(DG)(DT)(DA)(DT)(DA)(DA)(DA)(DG)(DC)
(DC)(DA)
;
Ca
152 'polydeoxyribonucleotide'
;(DC)(DA)(DA)(DA)(DT)(DG)(DA)(DC)(DT)(DA)(DG)(DG)(DG)(DC)(DT)(DT)(DA)(DG)(DA)(DA)
(DT)(DG)(DG)(DC)(DC)(DA)(DG)(DA)(DG)(DT)(DT)(DA)(DC)(DC)(DT)(DG)(DC)(DA)(DG)(DC)
(DC)(DA)(DG)(DC)(DG)(DG)(DT)(DG)(DC)
;
Cb
153 'polydeoxyribonucleotide'
;(DA)(DA)(DA)(DA)(DC)(DA)(DT)(DG)(DC)(DA)(DA)(DC)(DA)(DG)(DA)(DT)(DC)(DT)(DT)(DT)
(DA)(DA)(DA)(DA)(DC)(DA)(DA)(DT)(DT)(DC)(DG)(DA)(DC)(DA)(DA)(DT)(DC)(DC)(DA)(DG)
(DT)(DT)
;
Cc
154 'polydeoxyribonucleotide'
;(DT)(DT)(DT)(DG)(DA)(DA)(DT)(DA)(DA)(DA)(DG)(DC)(DA)(DT)(DC)(DA)(DA)(DA)(DT)(DC)
(DA)(DA)(DT)(DT)(DA)(DA)(DT)(DT)(DG)(DA)(DG)(DC)(DG)(DG)(DA)(DA)(DT)(DT)(DA)(DT)
(DC)(DA)(DT)(DC)(DA)(DT)(DA)
;
Cd
155 'polydeoxyribonucleotide'
;(DT)(DT)(DT)(DT)(DT)(DT)(DT)(DT)(DT)(DT)(DT)(DA)(DA)(DG)(DA)(DA)(DT)(DA)(DC)(DG)
(DT)(DG)(DT)(DC)(DA)(DA)(DA)(DT)(DA)(DT)(DC)(DA)(DA)(DA)(DT)(DT)(DT)(DT)(DT)(DT)
(DT)(DT)(DT)(DT)
;
Ce
156 'polydeoxyribonucleotide'
;(DT)(DT)(DT)(DT)(DT)(DT)(DT)(DT)(DT)(DT)(DG)(DG)(DA)(DA)(DG)(DG)(DG)(DC)(DG)(DA)
(DT)(DC)(DG)(DG)(DT)(DG)(DG)(DG)(DC)(DT)(DG)(DC)(DG)(DT)(DA)(DT)(DC)(DG)(DG)(DC)
;
Cf
157 'polydeoxyribonucleotide'
;(DC)(DG)(DG)(DG)(DC)(DC)(DT)(DC)(DA)(DG)(DT)(DC)(DA)(DC)(DG)(DA)(DC)(DG)(DT)(DT)
(DG)(DT)(DA)(DA)(DA)(DA)(DT)(DT)(DT)(DT)(DT)(DT)(DT)(DT)(DT)(DT)
;
Cg
158 'polydeoxyribonucleotide'
;(DA)(DT)(DT)(DT)(DA)(DC)(DA)(DC)(DG)(DT)(DT)(DG)(DT)(DA)(DG)(DC)(DA)(DA)(DT)(DT)
(DA)(DG)(DG)(DC)(DG)(DC)(DG)(DT)(DC)(DG)(DC)(DC)(DG)(DC)(DG)(DC)(DA)(DT)(DC)(DA)
(DC)(DC)
;
Ch
159 'polydeoxyribonucleotide'
;(DT)(DT)(DG)(DG)(DC)(DA)(DG)(DT)(DA)(DT)(DA)(DT)(DT)(DT)(DT)(DG)(DA)(DT)(DA)(DA)
(DA)(DT)(DA)(DT)(DG)(DT)(DA)(DA)(DA)(DT)(DG)(DC)(DT)(DG)(DA)(DA)(DA)(DA)(DA)(DC)
(DT)(DT)(DT)(DT)(DT)(DC)(DA)(DA)(DA)(DA)(DT)(DT)(DC)(DA)(DC)(DC)
;
Ci
160 'polydeoxyribonucleotide'
;(DG)(DA)(DG)(DG)(DC)(DC)(DA)(DC)(DC)(DG)(DA)(DG)(DT)(DA)(DT)(DT)(DC)(DC)(DT)(DC)
(DG)(DG)(DC)(DT)(DG)(DG)(DC)(DA)(DC)(DA)(DC)(DT)(DA)(DA)(DA)
;
Cj
161 'polydeoxyribonucleotide'
;(DA)(DA)(DT)(DC)(DC)(DT)(DG)(DC)(DC)(DC)(DT)(DT)(DC)(DT)(DG)(DA)(DC)(DC)(DT)(DG)
(DA)(DA)(DA)(DG)(DC)(DG)(DT)(DT)(DT)(DT)(DT)(DT)(DT)(DT)(DT)(DT)
;
Ck
162 'polydeoxyribonucleotide'
;(DT)(DT)(DT)(DT)(DT)(DT)(DT)(DT)(DT)(DT)(DA)(DG)(DG)(DA)(DA)(DC)(DG)(DG)(DT)(DA)
(DC)(DG)(DC)(DC)(DA)(DG)(DT)(DA)(DA)(DA)(DG)(DG)(DG)(DG)(DA)(DG)(DA)(DA)(DA)(DG)
;
Cl
163 'polydeoxyribonucleotide'
;(DT)(DT)(DT)(DT)(DT)(DT)(DT)(DT)(DT)(DT)(DC)(DG)(DA)(DC)(DG)(DG)(DC)(DC)(DA)(DG)
(DT)(DG)(DT)(DT)(DG)(DT)(DG)(DA)(DG)(DA)(DG)(DA)(DT)(DA)(DT)(DT)(DT)(DT)(DT)(DT)
(DT)(DT)(DT)(DT)
;
Cm
164 'polydeoxyribonucleotide'
;(DC)(DC)(DA)(DA)(DG)(DC)(DT)(DC)(DG)(DC)(DA)(DC)(DT)(DC)(DG)(DT)(DC)(DA)(DC)(DT)
(DG)(DT)(DT)(DG)(DC)(DC)(DC)(DT)(DG)(DC)(DG)(DG)(DC)(DT)(DG)(DA)(DT)(DT)(DG)(DC)
(DA)(DG)
;
Cn
165 'polydeoxyribonucleotide'
;(DT)(DT)(DC)(DA)(DG)(DA)(DG)(DG)(DT)(DT)(DT)(DT)(DC)(DC)(DC)(DT)(DT)(DC)(DG)(DC)
(DT)(DA)(DT)(DT)(DA)(DC)(DG)(DC)(DC)(DA)(DA)(DA)(DG)(DC)(DG)
;
Co
166 'polydeoxyribonucleotide'
;(DG)(DT)(DG)(DG)(DA)(DG)(DC)(DC)(DA)(DT)(DG)(DT)(DT)(DT)(DT)(DC)(DT)(DC)(DA)(DC)
(DG)(DG)(DA)(DA)(DA)(DA)(DT)(DC)(DC)(DG)(DG)(DA)(DA)(DC)(DG)(DT)(DC)(DG)(DG)(DT)
(DG)(DG)(DT)(DG)(DC)(DC)(DA)(DT)(DC)
;
Cp
167 'polydeoxyribonucleotide'
;(DG)(DC)(DT)(DA)(DC)(DA)(DG)(DC)(DA)(DT)(DT)(DT)(DT)(DG)(DA)(DC)(DG)(DC)(DT)(DT)
(DG)(DC)(DG)(DC)(DT)(DC)(DA)(DT)(DC)(DC)(DG)(DC)(DC)(DA)(DG)(DC)(DC)(DA)(DT)(DT)
(DG)(DC)(DA)(DA)
;
Cq
168 'polydeoxyribonucleotide'
;(DG)(DA)(DC)(DG)(DA)(DG)(DC)(DG)(DC)(DT)(DG)(DC)(DG)(DC)(DT)(DG)(DG)(DG)(DG)(DT)
(DC)(DT)(DG)(DG)(DA)(DA)(DC)(DA)(DA)(DG)(DA)(DG)(DT)(DC)(DC)(DA)(DC)(DT)(DT)(DT)
(DA)(DC)(DG)(DG)(DA)(DG)(DC)(DA)(DC)
;
Cr
169 'polydeoxyribonucleotide'
;(DA)(DC)(DG)(DT)(DG)(DC)(DT)(DA)(DA)(DA)(DG)(DA)(DG)(DT)(DC)(DG)(DA)(DC)(DC)(DA)
(DG)(DA)(DC)(DG)(DC)(DG)(DA)(DG)(DT)(DG)(DC)(DA)(DA)(DA)(DT)(DC)(DC)(DA)(DA)(DT)
(DC)(DG)(DC)(DA)
;
Cs
170 'polydeoxyribonucleotide'
;(DG)(DA)(DA)(DA)(DC)(DG)(DT)(DT)(DC)(DC)(DG)(DG)(DC)(DA)(DC)(DC)(DG)(DC)(DT)(DT)
(DA)(DA)(DG)(DG)(DG)(DT)(DC)(DA)(DC)(DG)(DT)(DT)(DG)(DG)(DT)(DG)(DA)(DT)(DA)(DA)
(DT)(DC)
;
Ct
171 'polydeoxyribonucleotide'
;(DT)(DT)(DT)(DT)(DT)(DT)(DT)(DT)(DT)(DT)(DG)(DA)(DA)(DC)(DG)(DT)(DG)(DG)(DC)(DA)
(DT)(DT)(DT)(DT)(DA)(DG)(DA)(DC)(DT)(DT)(DT)(DT)(DT)(DT)(DT)(DT)(DT)(DT)
;
Cu
172 'polydeoxyribonucleotide'
;(DT)(DT)(DT)(DT)(DT)(DT)(DT)(DT)(DT)(DT)(DG)(DA)(DC)(DT)(DT)(DT)(DC)(DT)(DC)(DC)
(DG)(DT)(DT)(DT)(DA)(DA)(DA)(DT)(DT)(DT)(DC)(DT)(DG)(DC)(DT)(DT)(DT)(DT)(DT)(DT)
(DT)(DT)(DT)(DT)
;
Cv
173 'polydeoxyribonucleotide'
;(DA)(DG)(DT)(DT)(DT)(DT)(DT)(DG)(DT)(DA)(DA)(DC)(DC)(DA)(DA)(DC)(DC)(DG)(DC)(DC)
(DT)(DC)(DG)(DC)(DC)(DA)(DT)(DT)(DT)(DC)(DT)(DG)(DT)(DA)(DA)
;
Cw
174 'polydeoxyribonucleotide'
;(DG)(DA)(DG)(DG)(DT)(DG)(DC)(DA)(DA)(DT)(DG)(DA)(DG)(DT)(DA)(DG)(DG)(DA)(DT)(DC)
(DC)(DC)(DC)(DG)(DG)(DG)(DT)(DA)(DG)(DG)(DG)(DC)(DC)(DG)(DT)
;
Cx
175 'polydeoxyribonucleotide'
;(DC)(DC)(DT)(DA)(DA)(DA)(DG)(DG)(DC)(DG)(DG)(DG)(DC)(DG)(DA)(DA)(DA)(DA)(DT)(DC)
(DT)(DG)(DG)(DC)(DT)(DA)(DT)(DT)(DA)(DG)(DT)(DC)(DT)(DT)(DT)(DA)(DG)(DG)(DG)(DA)
(DC)(DA)
;
Cy
176 'polydeoxyribonucleotide'
;(DG)(DG)(DA)(DG)(DC)(DC)(DC)(DT)(DC)(DA)(DA)(DA)(DA)(DG)(DT)(DG)(DG)(DT)(DT)(DT)
(DG)(DC)(DC)(DC)(DC)(DA)(DG)(DC)(DG)(DC)(DA)(DA)(DC)(DA)(DG)(DG)(DC)(DG)(DT)(DA)
(DT)(DT)(DG)(DG)(DG)(DC)(DG)(DC)(DC)
;
Cz
177 'polydeoxyribonucleotide'
;(DG)(DA)(DC)(DG)(DG)(DG)(DG)(DA)(DT)(DC)(DG)(DG)(DC)(DA)(DA)(DA)(DT)(DC)(DC)(DT)
(DG)(DT)(DT)(DT)(DG)(DA)(DT)(DG)(DG)(DT)(DT)(DT)(DT)(DT)(DT)(DT)(DT)(DT)(DT)(DT)
;
C0
178 'polydeoxyribonucleotide'
;(DA)(DT)(DC)(DA)(DA)(DA)(DC)(DG)(DG)(DT)(DG)(DA)(DA)(DG)(DA)(DA)(DC)(DG)(DT)(DC)
(DA)(DA)(DG)(DA)(DA)(DT)(DG)(DC)(DC)(DA)(DA)(DC)(DG)(DG)(DC)(DG)(DC)(DG)(DC)(DT)
(DT)(DT)
;
C1
179 'polydeoxyribonucleotide'
;(DA)(DC)(DA)(DG)(DC)(DG)(DG)(DG)(DG)(DG)(DA)(DA)(DC)(DA)(DC)(DG)(DT)(DA)(DA)(DC)
(DC)(DT)(DC)(DA)(DA)(DT)(DC)(DA)(DG)(DA)(DG)(DC)(DA)(DA)(DA)(DA)(DA)(DA)(DG)(DC)
(DC)(DT)(DT)(DT)(DT)(DT)(DG)(DC)(DG)
;
C2
180 'polydeoxyribonucleotide'
;(DA)(DA)(DG)(DA)(DA)(DC)(DG)(DT)(DG)(DG)(DA)(DC)(DT)(DC)(DT)(DT)(DG)(DA)(DG)(DG)
(DA)(DT)(DT)(DA)(DG)(DA)(DG)(DC)(DT)(DA)(DT)(DA)(DC)(DA)(DG)(DT)(DA)(DA)(DA)(DT)
(DC)(DA)(DA)(DC)(DG)(DC)(DG)(DC)(DC)
;
C3
181 'polydeoxyribonucleotide'
;(DG)(DG)(DG)(DT)(DT)(DG)(DA)(DG)(DT)(DG)(DT)(DT)(DG)(DT)(DC)(DT)(DC)(DG)(DT)(DA)
(DT)(DA)(DG)(DG)(DT)(DT)(DA)(DT)(DG)(DA)(DT)(DT)(DC)(DG)(DC)(DA)(DA)(DC)(DA)(DA)
(DT)(DT)
;
C4
182 'polydeoxyribonucleotide'
;(DA)(DA)(DA)(DT)(DC)(DC)(DC)(DT)(DT)(DA)(DT)(DA)(DA)(DA)(DC)(DC)(DG)(DA)(DT)(DT)
(DT)(DA)(DC)(DA)(DT)(DA)(DC)(DG)(DA)(DG)(DC)(DT)(DG)(DT)(DT)(DT)(DC)(DC)(DT)(DG)
(DT)(DG)
;
C5
183 'polydeoxyribonucleotide'
;(DT)(DT)(DT)(DT)(DT)(DT)(DT)(DT)(DT)(DT)(DG)(DG)(DT)(DT)(DC)(DC)(DG)(DA)(DA)(DA)
(DA)(DA)(DG)(DC)(DC)(DG)(DG)(DC)(DT)(DT)(DT)(DT)(DT)(DT)(DT)(DT)(DT)(DT)
;
C6
184 'polydeoxyribonucleotide'
;(DA)(DA)(DA)(DT)(DC)(DC)(DC)(DG)(DT)(DA)(DA)(DA)(DT)(DC)(DC)(DG)(DT)(DT)(DT)(DT)
(DT)(DT)(DC)(DG)(DT)(DC)(DC)(DT)(DC)(DA)(DT)(DA)(DA)(DT)(DA)(DT)(DC)(DA)(DG)(DG)
;
C7
185 'polydeoxyribonucleotide'
;(DT)(DT)(DT)(DT)(DT)(DT)(DT)(DT)(DT)(DT)(DC)(DT)(DT)(DT)(DT)(DC)(DA)(DC)(DC)(DA)
(DG)(DT)(DG)(DA)(DG)(DA)(DC)(DG)(DG)(DA)(DG)(DG)(DC)(DG)(DA)(DA)
;
C8
186 'polydeoxyribonucleotide'
;(DT)(DT)(DT)(DT)(DT)(DT)(DT)(DT)(DT)(DT)(DT)(DC)(DA)(DT)(DT)(DT)(DG)(DC)(DC)(DG)
(DC)(DC)(DA)(DG)(DC)(DA)(DG)(DT)(DT)(DC)(DG)(DG)(DC)(DC)(DT)(DT)(DT)(DT)(DG)(DC)
(DC)(DG)(DT)(DT)(DC)(DC)(DG)(DG)(DC)(DA)
;
C9
187 'polydeoxyribonucleotide'
;(DG)(DA)(DG)(DT)(DT)(DG)(DC)(DA)(DG)(DC)(DA)(DA)(DG)(DC)(DG)(DG)(DC)(DC)(DG)(DC)
(DC)(DT)(DG)(DA)(DC)(DG)(DC)(DG)(DC)(DG)(DG)(DG)(DG)(DA)(DG)(DA)(DG)(DA)(DG)(DC)
(DA)(DT)(DA)(DA)
;
DA
188 'polydeoxyribonucleotide'
;(DT)(DC)(DC)(DA)(DC)(DG)(DC)(DA)(DA)(DT)(DA)(DG)(DC)(DC)(DG)(DA)(DA)(DC)(DG)(DT)
(DT)(DA)(DC)(DA)(DG)(DT)(DT)(DG)(DT)(DA)(DC)(DC)(DA)(DA)(DG)(DA)(DA)(DA)(DA)(DC)
(DA)(DA)
;
DB
189 'polydeoxyribonucleotide'
;(DG)(DT)(DA)(DA)(DT)(DA)(DT)(DC)(DC)(DA)(DG)(DA)(DA)(DC)(DT)(DC)(DC)(DC)(DT)(DT)
(DA)(DA)(DG)(DC)(DA)(DC)(DG)(DC)(DG)(DT)(DG)(DC)(DC)(DC)(DG)
;
DC
190 'polydeoxyribonucleotide'
;(DA)(DA)(DG)(DA)(DA)(DC)(DT)(DC)(DA)(DA)(DA)(DC)(DT)(DA)(DT)(DC)(DG)(DG)(DC)(DG)
(DC)(DA)(DA)(DA)(DT)(DC)(DG)(DT)(DC)(DA)(DT)(DA)(DC)(DA)(DC)(DA)(DG)(DT)(DT)(DG)
(DG)(DA)(DG)(DC)(DT)(DA)(DA)
;
DD
191 'polydeoxyribonucleotide'
;(DC)(DA)(DG)(DG)(DA)(DA)(DA)(DA)(DA)(DC)(DA)(DA)(DG)(DG)(DC)(DG)(DA)(DT)(DA)(DA)
(DC)(DC)(DT)(DC)(DA)(DC)(DC)(DG)(DC)(DC)(DG)(DC)(DT)(DG)(DG)(DA)(DG)
;
DE
192 'polydeoxyribonucleotide'
;(DT)(DT)(DT)(DT)(DT)(DT)(DT)(DT)(DT)(DT)(DA)(DG)(DT)(DT)(DA)(DA)(DA)(DC)(DG)(DG)
(DC)(DT)(DG)(DG)(DT)(DC)(DT)(DG)(DT)(DT)(DT)(DT)(DT)(DT)(DT)(DT)(DT)(DT)
;
DF
193 'polydeoxyribonucleotide'
;(DT)(DC)(DG)(DT)(DC)(DG)(DC)(DT)(DG)(DG)(DC)(DA)(DG)(DC)(DC)(DT)(DG)(DC)(DC)(DC)
(DG)(DC)(DT)(DT)(DT)(DC)(DC)(DA)(DG)(DT)(DC)(DG)(DG)(DG)(DA)(DA)(DA)(DC)(DC)(DT)
(DG)(DT)(DC)(DT)(DC)(DA)(DC)(DA)(DT)
;
DG
194 'polydeoxyribonucleotide'
;(DC)(DG)(DT)(DG)(DC)(DC)(DA)(DG)(DC)(DT)(DG)(DC)(DA)(DT)(DT)(DA)(DA)(DT)(DG)(DA)
(DA)(DG)(DG)(DT)(DG)(DC)(DC)(DT)(DC)(DG)(DT)(DA)(DA)(DA)(DG)(DA)(DG)(DT)(DG)(DT)
(DA)(DG)
;
DH
195 'polydeoxyribonucleotide'
;(DG)(DC)(DG)(DT)(DG)(DG)(DT)(DA)(DT)(DG)(DC)(DT)(DG)(DA)(DT)(DA)(DG)(DT)(DG)(DA)
(DT)(DG)(DA)(DA)(DG)(DG)(DG)(DT)(DA)(DA)(DT)(DT)(DT)(DT)(DT)(DT)(DT)(DT)(DT)(DT)
;
DI
196 'polydeoxyribonucleotide'
;(DC)(DT)(DT)(DG)(DT)(DA)(DG)(DG)(DG)(DA)(DT)(DA)(DG)(DC)(DA)(DC)(DC)(DA)(DG)(DT)
(DC)(DA)(DG)(DA)(DT)(DC)(DG)(DC)(DC)(DC)(DA)(DT)(DT)(DC)(DG)(DC)(DC)(DA)(DT)(DT)
(DC)(DA)
;
DJ
197 'polydeoxyribonucleotide'
;(DC)(DC)(DA)(DC)(DA)(DC)(DA)(DA)(DG)(DA)(DG)(DC)(DT)(DT)(DG)(DA)(DA)(DG)(DG)(DG)
(DA)(DC)(DT)(DG)(DA)(DA)(DC)(DC)(DG)(DC)(DA)(DC)(DA)(DG)(DA)
;
DK
198 'polydeoxyribonucleotide'
;(DT)(DT)(DT)(DT)(DT)(DT)(DT)(DT)(DT)(DT)(DC)(DC)(DG)(DC)(DT)(DC)(DA)(DC)(DA)(DA)
(DT)(DT)(DA)(DG)(DG)(DG)(DT)(DG)(DG)(DT)(DT)(DT)(DT)(DT)(DT)(DT)(DT)(DT)(DT)(DT)
(DT)(DT)(DT)(DT)
;
DL
199 'polydeoxyribonucleotide'
;(DT)(DT)(DT)(DT)(DT)(DT)(DT)(DT)(DT)(DT)(DG)(DT)(DC)(DA)(DG)(DC)(DA)(DG)(DC)(DC)
(DG)(DG)(DG)(DC)(DG)(DC)(DG)(DG)(DT)(DT)(DT)(DT)(DT)(DT)(DT)(DT)(DT)(DT)
;
DM
200 'polydeoxyribonucleotide'
;(DA)(DG)(DC)(DA)(DC)(DC)(DG)(DT)(DG)(DC)(DC)(DG)(DG)(DA)(DA)(DA)(DC)(DG)(DC)(DG)
(DG)(DA)(DA)(DA)(DA)(DG)(DC)(DC)(DG)(DC)(DA)(DC)(DA)(DG)(DG)(DG)(DG)(DG)(DC)(DG)
(DG)(DT)
;
DN
201 'polydeoxyribonucleotide'
;(DA)(DC)(DC)(DA)(DG)(DC)(DT)(DT)(DA)(DT)(DG)(DT)(DT)(DC)(DT)(DT)(DC)(DG)(DC)(DG)
(DT)(DG)(DT)(DT)(DG)(DC)(DG)(DC)(DT)(DC)(DA)(DC)(DT)(DC)(DC)(DC)(DG)(DT)(DG)(DA)
(DA)(DC)(DC)(DT)(DT)(DA)(DA)(DT)(DG)
;
DO
202 'polydeoxyribonucleotide'
;(DC)(DC)(DG)(DT)(DG)(DA)(DG)(DC)(DC)(DT)(DC)(DC)(DT)(DC)(DC)(DG)(DG)(DG)(DG)(DG)
(DT)(DT)(DT)(DG)(DC)(DT)(DT)(DT)(DA)(DA)(DT)(DT)(DA)(DA)(DC)
;
DP
203 'polydeoxyribonucleotide'
;(DC)(DG)(DA)(DA)(DT)(DT)(DC)(DG)(DT)(DA)(DA)(DT)(DC)(DA)(DG)(DT)(DG)(DC)(DT)(DG)
(DC)(DC)(DA)(DG)(DA)(DG)(DC)(DG)(DA)(DA)(DT)(DC)(DA)(DG)(DT)(DT)(DT)(DC)(DT)(DG)
(DG)(DC)(DC)(DA)(DA)(DC)(DA)(DG)(DA)
;
DQ
204 'polydeoxyribonucleotide'
;(DG)(DC)(DA)(DT)(DC)(DA)(DG)(DG)(DG)(DA)(DA)(DC)(DG)(DG)(DA)(DT)(DT)(DA)(DA)(DG)
(DT)(DC)(DG)(DA)(DA)(DA)(DG)(DG)(DG)(DG)(DG)(DA)(DT)(DG)(DT)(DG)(DA)(DT)(DC)(DT)
(DG)(DG)(DT)(DG)(DC)(DC)(DG)(DG)(DA)
;
DR
205 'polydeoxyribonucleotide'
;(DT)(DT)(DC)(DT)(DG)(DC)(DC)(DC)(DA)(DC)(DT)(DG)(DG)(DT)(DG)(DT)(DG)(DT)(DT)(DC)
(DA)(DC)(DT)(DT)(DG)(DC)(DT)(DG)(DA)(DG)(DT)(DA)(DA)(DT)(DA)(DA)(DC)(DA)(DT)(DC)
(DA)(DC)(DT)(DC)(DA)(DC)(DG)(DC)(DA)
;
DS
206 'polydeoxyribonucleotide'
;(DA)(DT)(DG)(DC)(DG)(DG)(DC)(DC)(DC)(DG)(DA)(DG)(DC)(DT)(DA)(DG)(DC)(DC)(DT)(DG)
(DG)(DT)(DC)(DG)(DG)(DC)(DC)(DA)(DG)(DC)(DC)(DC)(DT)(DG)(DA)(DG)(DA)
;
DT
207 'polydeoxyribonucleotide'
;(DC)(DT)(DC)(DT)(DG)(DT)(DG)(DT)(DG)(DG)(DT)(DC)(DA)(DT)(DA)(DG)(DC)(DC)(DG)(DG)
(DA)(DG)(DC)(DG)(DG)(DT)(DT)(DT)(DC)(DT)(DG)(DA)(DT)(DT)(DG)(DC)(DC)(DC)(DT)(DT)
(DC)(DA)
;
DU
208 'polydeoxyribonucleotide'
;(DT)(DG)(DC)(DG)(DC)(DG)(DC)(DC)(DT)(DG)(DT)(DG)(DC)(DA)(DC)(DG)(DG)(DT)(DG)(DC)
(DC)(DC)(DC)(DC)(DT)(DG)(DC)(DA)(DT)(DC)(DA)(DG)(DA)(DC)(DG)(DA)(DT)(DC)(DC)(DA)
(DT)(DT)(DT)(DT)(DT)(DT)(DT)(DT)(DT)(DT)
;
DV
209 'polydeoxyribonucleotide'
;(DT)(DT)(DT)(DT)(DT)(DT)(DT)(DT)(DT)(DT)(DG)(DC)(DG)(DC)(DA)(DG)(DT)(DG)(DT)(DC)
(DA)(DC)(DT)(DG)(DA)(DA)(DA)(DT)(DT)(DG)(DT)(DT)(DA)(DT)(DT)(DT)(DT)(DT)(DT)(DT)
(DT)(DT)(DT)(DT)
;
DW
210 'polydeoxyribonucleotide'
;(DT)(DT)(DT)(DT)(DT)(DT)(DT)(DT)(DT)(DT)(DT)(DT)(DG)(DC)(DG)(DG)(DT)(DA)(DT)(DG)
(DA)(DG)(DC)(DC)(DG)(DG)(DA)(DA)(DT)(DC)(DC)(DG)(DC)(DA)(DA)(DC)(DC)(DG)(DC)(DA)
;
DX
211 'polydeoxyribonucleotide'
;(DG)(DT)(DA)(DA)(DT)(DG)(DG)(DG)(DT)(DA)(DA)(DA)(DG)(DG)(DT)(DT)(DT)(DC)(DT)(DT)
(DT)(DG)(DT)(DG)(DT)(DC)(DC)(DA)(DC)(DC)(DA)(DC)(DG)(DC)(DA)(DG)(DC)(DA)(DC)(DA)
(DT)(DC)
;
DY
212 'polydeoxyribonucleotide'
;(DG)(DC)(DT)(DC)(DG)(DT)(DC)(DA)(DT)(DA)(DA)(DA)(DC)(DA)(DA)(DA)(DT)(DA)(DT)(DT)
(DA)(DG)(DG)(DA)(DA)(DA)(DT)(DA)(DC)(DC)(DA)(DC)(DT)(DT)(DC)(DT)(DT)(DT)(DG)(DA)
(DT)(DT)
;
DZ
#